data_4LSZ
#
_entry.id   4LSZ
#
_cell.length_a   59.840
_cell.length_b   82.310
_cell.length_c   95.080
_cell.angle_alpha   90.00
_cell.angle_beta   91.86
_cell.angle_gamma   90.00
#
_symmetry.space_group_name_H-M   'P 1 21 1'
#
loop_
_entity.id
_entity.type
_entity.pdbx_description
1 polymer 'Caspase-7 subunit p20'
2 polymer 'Caspase-7 subunit p10'
3 polymer 'DARPin D7.18'
4 water water
#
loop_
_entity_poly.entity_id
_entity_poly.type
_entity_poly.pdbx_seq_one_letter_code
_entity_poly.pdbx_strand_id
1 'polypeptide(L)'
;AKPDRSSFVPSLFSKKKKNVTMRSIKTTRDRVPTYQYNMNFEKLGKCIIINNKNFDKVTGMGVRNGTDKDAEALFKCFRS
LGFDVIVYNDCSCAKMQDLLKKASEEDHTNAACFACILLSHGEENVIYGKDGVTPIKDLTAHFRGDRCKTLLEKPKLFFI
QACRGTELDDGIQAD
;
A,C
2 'polypeptide(L)'
;ANPRYKIPVEADFLFAYSTVPGYYSWRSPGRGSWFVQALCSILEEHGKDLEIMQILTRVNDRVARHFESQSDDPHFHEKK
QIPCVVSMLTKELYFSQLEHHHHHH
;
B,D
3 'polypeptide(L)'
;MRGSHHHHHHGSDLGKKLLEAARAGQDDEVRILMANGADVNADDAWGQTPLHLAAQNGHLEIVEVLLKHDADVNATDWVG
MTPLHLAADDGHLEIVEALLKYGADVNAYDQLGNTPLNLAATDGHLEIVEVLLKYGADVNAQDKFGKTAFDISIDNGNED
LAEILQKLN
;
E,F
#
# COMPACT_ATOMS: atom_id res chain seq x y z
N TYR A 35 -7.13 -3.26 21.16
CA TYR A 35 -6.07 -3.28 20.16
C TYR A 35 -6.03 -4.53 19.25
N GLN A 36 -6.89 -5.51 19.49
CA GLN A 36 -6.86 -6.74 18.69
C GLN A 36 -8.22 -7.11 18.08
N TYR A 37 -8.21 -7.62 16.86
CA TYR A 37 -9.45 -8.09 16.23
C TYR A 37 -9.98 -9.25 17.05
N ASN A 38 -11.29 -9.27 17.27
CA ASN A 38 -11.89 -10.36 18.00
C ASN A 38 -11.73 -11.70 17.25
N MET A 39 -11.10 -12.67 17.90
CA MET A 39 -10.94 -14.00 17.34
C MET A 39 -11.90 -15.02 17.96
N ASN A 40 -12.76 -14.55 18.87
CA ASN A 40 -13.68 -15.45 19.57
C ASN A 40 -14.90 -15.83 18.73
N PHE A 41 -14.66 -16.59 17.67
CA PHE A 41 -15.71 -17.02 16.76
C PHE A 41 -15.62 -18.53 16.57
N GLU A 42 -16.71 -19.11 16.10
CA GLU A 42 -16.77 -20.55 15.85
C GLU A 42 -15.68 -20.94 14.85
N LYS A 43 -15.45 -20.07 13.86
CA LYS A 43 -14.51 -20.33 12.78
C LYS A 43 -13.54 -19.17 12.61
N LEU A 44 -12.29 -19.49 12.28
CA LEU A 44 -11.34 -18.49 11.84
C LEU A 44 -11.89 -17.83 10.59
N GLY A 45 -12.37 -18.66 9.66
CA GLY A 45 -13.03 -18.14 8.48
C GLY A 45 -12.72 -18.87 7.19
N LYS A 46 -13.26 -18.37 6.09
CA LYS A 46 -13.05 -18.97 4.80
C LYS A 46 -11.86 -18.37 4.07
N CYS A 47 -11.18 -19.22 3.32
CA CYS A 47 -10.07 -18.80 2.47
C CYS A 47 -10.23 -19.41 1.07
N ILE A 48 -10.35 -18.56 0.06
CA ILE A 48 -10.48 -19.04 -1.31
C ILE A 48 -9.20 -18.77 -2.11
N ILE A 49 -8.70 -19.78 -2.79
CA ILE A 49 -7.48 -19.64 -3.57
C ILE A 49 -7.77 -19.78 -5.06
N ILE A 50 -7.35 -18.80 -5.84
CA ILE A 50 -7.51 -18.88 -7.28
C ILE A 50 -6.15 -19.23 -7.87
N ASN A 51 -6.02 -20.45 -8.39
CA ASN A 51 -4.74 -20.97 -8.90
C ASN A 51 -4.73 -21.03 -10.42
N ASN A 52 -4.24 -19.98 -11.06
CA ASN A 52 -4.22 -19.92 -12.53
C ASN A 52 -2.89 -20.35 -13.14
N LYS A 53 -2.89 -21.50 -13.82
CA LYS A 53 -1.65 -22.10 -14.35
C LYS A 53 -1.59 -22.07 -15.87
N ASN A 54 -2.71 -22.38 -16.50
CA ASN A 54 -2.79 -22.48 -17.95
C ASN A 54 -3.67 -21.37 -18.54
N PHE A 55 -3.22 -20.78 -19.64
CA PHE A 55 -3.89 -19.62 -20.18
C PHE A 55 -4.21 -19.85 -21.65
N ASP A 56 -5.39 -19.36 -22.08
CA ASP A 56 -5.83 -19.53 -23.47
C ASP A 56 -4.81 -18.94 -24.43
N LYS A 57 -4.58 -19.61 -25.54
CA LYS A 57 -3.62 -19.18 -26.55
C LYS A 57 -3.84 -17.74 -27.01
N VAL A 58 -5.08 -17.28 -26.95
CA VAL A 58 -5.42 -15.92 -27.36
C VAL A 58 -4.71 -14.86 -26.50
N THR A 59 -4.47 -15.17 -25.22
CA THR A 59 -3.82 -14.22 -24.32
C THR A 59 -2.32 -14.12 -24.57
N GLY A 60 -1.74 -15.18 -25.13
CA GLY A 60 -0.30 -15.21 -25.37
C GLY A 60 0.53 -15.46 -24.12
N MET A 61 -0.14 -15.79 -23.03
CA MET A 61 0.55 -16.01 -21.76
C MET A 61 1.02 -17.47 -21.60
N GLY A 62 2.23 -17.65 -21.07
CA GLY A 62 2.79 -18.97 -20.90
C GLY A 62 2.27 -19.69 -19.69
N VAL A 63 2.65 -20.97 -19.56
CA VAL A 63 2.26 -21.77 -18.40
C VAL A 63 2.97 -21.26 -17.13
N ARG A 64 2.28 -21.24 -16.00
CA ARG A 64 2.91 -20.85 -14.74
C ARG A 64 3.40 -22.07 -13.94
N ASN A 65 4.47 -22.72 -14.40
CA ASN A 65 5.01 -23.88 -13.68
C ASN A 65 5.45 -23.54 -12.24
N GLY A 66 5.13 -24.44 -11.30
CA GLY A 66 5.43 -24.22 -9.90
C GLY A 66 4.25 -23.70 -9.10
N THR A 67 3.22 -23.23 -9.79
CA THR A 67 2.08 -22.63 -9.08
C THR A 67 1.26 -23.67 -8.32
N ASP A 68 1.27 -24.92 -8.81
CA ASP A 68 0.59 -25.99 -8.11
C ASP A 68 1.23 -26.23 -6.74
N LYS A 69 2.56 -26.23 -6.70
CA LYS A 69 3.27 -26.32 -5.43
C LYS A 69 2.88 -25.15 -4.52
N ASP A 70 2.76 -23.97 -5.11
CA ASP A 70 2.37 -22.79 -4.35
C ASP A 70 1.01 -23.05 -3.72
N ALA A 71 0.05 -23.48 -4.55
CA ALA A 71 -1.32 -23.65 -4.09
C ALA A 71 -1.43 -24.73 -3.01
N GLU A 72 -0.61 -25.78 -3.12
CA GLU A 72 -0.63 -26.88 -2.16
C GLU A 72 0.00 -26.45 -0.82
N ALA A 73 1.10 -25.71 -0.89
CA ALA A 73 1.74 -25.23 0.32
C ALA A 73 0.82 -24.24 1.04
N LEU A 74 0.18 -23.36 0.27
CA LEU A 74 -0.77 -22.39 0.84
C LEU A 74 -2.01 -23.07 1.42
N PHE A 75 -2.49 -24.10 0.74
CA PHE A 75 -3.62 -24.87 1.27
C PHE A 75 -3.29 -25.42 2.66
N LYS A 76 -2.09 -25.96 2.83
CA LYS A 76 -1.70 -26.51 4.12
C LYS A 76 -1.47 -25.44 5.20
N CYS A 77 -0.76 -24.37 4.85
CA CYS A 77 -0.47 -23.32 5.85
C CYS A 77 -1.74 -22.71 6.39
N PHE A 78 -2.60 -22.30 5.46
CA PHE A 78 -3.81 -21.61 5.82
C PHE A 78 -4.79 -22.51 6.55
N ARG A 79 -4.84 -23.79 6.19
CA ARG A 79 -5.66 -24.72 6.94
C ARG A 79 -5.11 -24.92 8.35
N SER A 80 -3.79 -24.96 8.46
CA SER A 80 -3.16 -25.08 9.78
C SER A 80 -3.48 -23.89 10.69
N LEU A 81 -3.57 -22.70 10.11
CA LEU A 81 -3.95 -21.53 10.90
C LEU A 81 -5.40 -21.66 11.38
N GLY A 82 -6.22 -22.39 10.63
CA GLY A 82 -7.61 -22.58 11.04
C GLY A 82 -8.62 -22.23 9.97
N PHE A 83 -8.13 -21.79 8.81
CA PHE A 83 -9.02 -21.42 7.70
C PHE A 83 -9.66 -22.66 7.07
N ASP A 84 -10.89 -22.51 6.59
CA ASP A 84 -11.49 -23.48 5.68
C ASP A 84 -11.09 -23.06 4.27
N VAL A 85 -10.22 -23.86 3.63
CA VAL A 85 -9.65 -23.46 2.35
C VAL A 85 -10.28 -24.22 1.21
N ILE A 86 -10.51 -23.53 0.10
CA ILE A 86 -10.95 -24.19 -1.12
C ILE A 86 -10.10 -23.60 -2.26
N VAL A 87 -9.72 -24.44 -3.22
CA VAL A 87 -8.85 -24.03 -4.34
C VAL A 87 -9.55 -24.23 -5.69
N TYR A 88 -9.54 -23.19 -6.53
CA TYR A 88 -10.07 -23.25 -7.89
C TYR A 88 -8.92 -23.05 -8.87
N ASN A 89 -8.83 -23.92 -9.86
CA ASN A 89 -7.72 -23.92 -10.82
C ASN A 89 -8.14 -23.29 -12.15
N ASP A 90 -7.21 -22.57 -12.78
CA ASP A 90 -7.41 -22.06 -14.15
C ASP A 90 -8.77 -21.39 -14.36
N CYS A 91 -9.03 -20.28 -13.68
CA CYS A 91 -10.32 -19.64 -13.79
C CYS A 91 -10.31 -18.55 -14.83
N SER A 92 -11.36 -18.50 -15.65
CA SER A 92 -11.57 -17.37 -16.52
C SER A 92 -11.92 -16.15 -15.67
N CYS A 93 -11.87 -14.97 -16.27
CA CYS A 93 -12.24 -13.74 -15.59
C CYS A 93 -13.65 -13.78 -15.04
N ALA A 94 -14.59 -14.26 -15.87
CA ALA A 94 -15.98 -14.34 -15.44
C ALA A 94 -16.12 -15.24 -14.21
N LYS A 95 -15.37 -16.34 -14.18
CA LYS A 95 -15.48 -17.30 -13.09
C LYS A 95 -14.89 -16.73 -11.79
N MET A 96 -13.74 -16.07 -11.88
CA MET A 96 -13.14 -15.38 -10.73
C MET A 96 -14.11 -14.33 -10.15
N GLN A 97 -14.72 -13.56 -11.03
CA GLN A 97 -15.69 -12.55 -10.62
C GLN A 97 -16.85 -13.20 -9.85
N ASP A 98 -17.42 -14.28 -10.43
CA ASP A 98 -18.58 -14.93 -9.85
C ASP A 98 -18.24 -15.54 -8.51
N LEU A 99 -17.06 -16.15 -8.43
CA LEU A 99 -16.63 -16.79 -7.20
C LEU A 99 -16.43 -15.77 -6.06
N LEU A 100 -15.77 -14.66 -6.36
CA LEU A 100 -15.50 -13.69 -5.30
C LEU A 100 -16.82 -13.03 -4.87
N LYS A 101 -17.64 -12.64 -5.83
CA LYS A 101 -18.98 -12.15 -5.52
C LYS A 101 -19.76 -13.14 -4.67
N LYS A 102 -19.77 -14.40 -5.09
CA LYS A 102 -20.49 -15.44 -4.35
C LYS A 102 -19.90 -15.64 -2.96
N ALA A 103 -18.58 -15.62 -2.85
CA ALA A 103 -17.91 -15.72 -1.57
C ALA A 103 -18.32 -14.59 -0.64
N SER A 104 -18.49 -13.39 -1.19
CA SER A 104 -18.88 -12.26 -0.35
C SER A 104 -20.32 -12.41 0.12
N GLU A 105 -21.11 -13.23 -0.58
CA GLU A 105 -22.51 -13.42 -0.23
C GLU A 105 -22.74 -14.61 0.71
N GLU A 106 -21.68 -15.33 1.05
CA GLU A 106 -21.76 -16.33 2.11
C GLU A 106 -22.03 -15.67 3.44
N ASP A 107 -22.56 -16.43 4.40
CA ASP A 107 -22.81 -15.85 5.72
C ASP A 107 -21.56 -16.02 6.61
N HIS A 108 -20.88 -14.90 6.86
CA HIS A 108 -19.65 -14.91 7.66
C HIS A 108 -19.87 -14.53 9.12
N THR A 109 -21.12 -14.57 9.58
CA THR A 109 -21.46 -14.15 10.94
C THR A 109 -20.56 -14.84 11.97
N ASN A 110 -20.31 -16.13 11.76
CA ASN A 110 -19.57 -16.91 12.73
C ASN A 110 -18.10 -17.13 12.38
N ALA A 111 -17.58 -16.27 11.52
CA ALA A 111 -16.16 -16.28 11.14
C ALA A 111 -15.48 -15.03 11.69
N ALA A 112 -14.22 -15.14 12.06
CA ALA A 112 -13.47 -13.98 12.56
C ALA A 112 -12.94 -13.09 11.42
N CYS A 113 -12.66 -13.69 10.28
CA CYS A 113 -12.11 -12.97 9.13
C CYS A 113 -12.33 -13.75 7.81
N PHE A 114 -11.77 -13.22 6.73
CA PHE A 114 -11.86 -13.83 5.40
C PHE A 114 -10.53 -13.60 4.68
N ALA A 115 -10.13 -14.56 3.86
CA ALA A 115 -8.89 -14.45 3.11
C ALA A 115 -9.07 -14.89 1.67
N CYS A 116 -8.42 -14.18 0.75
CA CYS A 116 -8.43 -14.60 -0.64
C CYS A 116 -7.01 -14.58 -1.17
N ILE A 117 -6.64 -15.62 -1.89
CA ILE A 117 -5.30 -15.71 -2.45
C ILE A 117 -5.39 -15.84 -3.95
N LEU A 118 -4.72 -14.95 -4.67
CA LEU A 118 -4.75 -14.98 -6.14
C LEU A 118 -3.37 -15.32 -6.67
N LEU A 119 -3.28 -16.36 -7.49
CA LEU A 119 -2.00 -16.78 -8.08
C LEU A 119 -2.16 -16.80 -9.60
N SER A 120 -1.50 -15.88 -10.28
CA SER A 120 -1.70 -15.74 -11.72
C SER A 120 -0.67 -14.81 -12.34
N HIS A 121 -0.78 -14.61 -13.65
CA HIS A 121 -0.03 -13.55 -14.31
C HIS A 121 -0.72 -12.25 -13.96
N GLY A 122 -0.03 -11.13 -14.15
CA GLY A 122 -0.65 -9.85 -13.89
C GLY A 122 -0.01 -8.69 -14.63
N GLU A 123 -0.70 -7.54 -14.59
CA GLU A 123 -0.12 -6.27 -14.99
C GLU A 123 -0.55 -5.26 -13.94
N GLU A 124 -0.19 -4.00 -14.13
N GLU A 124 -0.19 -3.99 -14.12
CA GLU A 124 -0.54 -2.94 -13.20
CA GLU A 124 -0.48 -3.00 -13.09
C GLU A 124 -2.04 -2.91 -12.93
C GLU A 124 -1.99 -2.84 -12.90
N ASN A 125 -2.41 -3.07 -11.66
CA ASN A 125 -3.83 -3.00 -11.23
C ASN A 125 -4.76 -4.12 -11.70
N VAL A 126 -4.20 -5.14 -12.37
CA VAL A 126 -5.06 -6.14 -12.99
C VAL A 126 -4.46 -7.51 -12.82
N ILE A 127 -5.31 -8.52 -12.90
CA ILE A 127 -4.84 -9.89 -12.83
C ILE A 127 -5.48 -10.70 -13.97
N TYR A 128 -4.75 -11.70 -14.46
CA TYR A 128 -5.20 -12.54 -15.56
C TYR A 128 -6.10 -13.66 -15.07
N GLY A 129 -7.26 -13.78 -15.71
CA GLY A 129 -7.99 -15.03 -15.73
C GLY A 129 -7.40 -15.79 -16.88
N LYS A 130 -7.93 -16.95 -17.23
CA LYS A 130 -7.31 -17.72 -18.31
C LYS A 130 -7.53 -17.09 -19.68
N ASP A 131 -8.51 -16.21 -19.77
CA ASP A 131 -8.93 -15.65 -21.05
C ASP A 131 -8.61 -14.16 -21.23
N GLY A 132 -8.02 -13.54 -20.20
CA GLY A 132 -7.70 -12.12 -20.25
C GLY A 132 -7.51 -11.50 -18.88
N VAL A 133 -7.50 -10.18 -18.81
CA VAL A 133 -7.23 -9.47 -17.57
C VAL A 133 -8.50 -8.90 -16.92
N THR A 134 -8.52 -8.87 -15.60
CA THR A 134 -9.60 -8.22 -14.87
C THR A 134 -8.99 -7.38 -13.75
N PRO A 135 -9.57 -6.18 -13.51
CA PRO A 135 -9.12 -5.28 -12.44
C PRO A 135 -9.24 -5.97 -11.09
N ILE A 136 -8.15 -5.93 -10.34
CA ILE A 136 -8.14 -6.49 -9.00
C ILE A 136 -9.19 -5.81 -8.11
N LYS A 137 -9.39 -4.51 -8.32
CA LYS A 137 -10.35 -3.74 -7.52
C LYS A 137 -11.80 -4.24 -7.68
N ASP A 138 -12.14 -4.72 -8.87
CA ASP A 138 -13.46 -5.33 -9.09
C ASP A 138 -13.68 -6.58 -8.24
N LEU A 139 -12.63 -7.34 -8.01
CA LEU A 139 -12.75 -8.57 -7.24
C LEU A 139 -12.98 -8.24 -5.77
N THR A 140 -12.21 -7.29 -5.27
CA THR A 140 -12.25 -6.90 -3.86
C THR A 140 -13.46 -6.03 -3.50
N ALA A 141 -14.08 -5.40 -4.51
CA ALA A 141 -15.18 -4.49 -4.26
C ALA A 141 -16.35 -5.16 -3.54
N HIS A 142 -16.54 -6.45 -3.80
CA HIS A 142 -17.70 -7.16 -3.26
C HIS A 142 -17.67 -7.24 -1.73
N PHE A 143 -16.49 -7.00 -1.16
CA PHE A 143 -16.27 -7.18 0.27
C PHE A 143 -16.28 -5.86 1.05
N ARG A 144 -16.55 -4.73 0.38
CA ARG A 144 -16.62 -3.43 1.05
C ARG A 144 -17.67 -3.47 2.14
N GLY A 145 -17.48 -2.66 3.17
CA GLY A 145 -18.36 -2.67 4.34
C GLY A 145 -19.85 -2.57 4.03
N ASP A 146 -20.20 -1.74 3.05
CA ASP A 146 -21.60 -1.54 2.70
C ASP A 146 -22.14 -2.67 1.80
N ARG A 147 -21.27 -3.54 1.32
CA ARG A 147 -21.69 -4.57 0.38
C ARG A 147 -21.60 -5.97 0.97
N CYS A 148 -20.84 -6.09 2.06
CA CYS A 148 -20.66 -7.37 2.70
C CYS A 148 -20.75 -7.23 4.20
N LYS A 149 -21.98 -7.30 4.70
CA LYS A 149 -22.31 -6.94 6.08
C LYS A 149 -21.77 -7.89 7.15
N THR A 150 -21.71 -9.18 6.84
CA THR A 150 -21.28 -10.15 7.83
C THR A 150 -19.75 -10.15 8.01
N LEU A 151 -19.05 -9.41 7.16
CA LEU A 151 -17.61 -9.19 7.37
C LEU A 151 -17.27 -7.77 7.88
N LEU A 152 -18.30 -6.96 8.10
CA LEU A 152 -18.13 -5.57 8.59
C LEU A 152 -17.38 -5.59 9.92
N GLU A 153 -16.32 -4.77 10.00
CA GLU A 153 -15.44 -4.70 11.18
C GLU A 153 -14.54 -5.92 11.34
N LYS A 154 -14.51 -6.79 10.33
CA LYS A 154 -13.63 -7.96 10.35
C LYS A 154 -12.54 -7.83 9.29
N PRO A 155 -11.35 -8.40 9.54
CA PRO A 155 -10.26 -8.30 8.53
C PRO A 155 -10.57 -9.08 7.26
N LYS A 156 -10.41 -8.41 6.12
CA LYS A 156 -10.57 -9.04 4.83
C LYS A 156 -9.20 -8.99 4.17
N LEU A 157 -8.62 -10.17 3.97
CA LEU A 157 -7.21 -10.31 3.57
C LEU A 157 -7.07 -10.80 2.13
N PHE A 158 -6.25 -10.10 1.35
CA PHE A 158 -5.97 -10.51 -0.01
C PHE A 158 -4.48 -10.66 -0.25
N PHE A 159 -4.06 -11.88 -0.59
CA PHE A 159 -2.65 -12.17 -0.89
C PHE A 159 -2.57 -12.34 -2.39
N ILE A 160 -1.74 -11.55 -3.04
CA ILE A 160 -1.74 -11.46 -4.49
C ILE A 160 -0.36 -11.71 -5.09
N GLN A 161 -0.19 -12.92 -5.65
CA GLN A 161 1.02 -13.30 -6.38
C GLN A 161 0.79 -13.09 -7.89
N ALA A 162 1.28 -11.97 -8.41
CA ALA A 162 1.18 -11.63 -9.83
C ALA A 162 2.11 -10.45 -10.15
N CYS A 163 2.60 -10.38 -11.38
CA CYS A 163 3.34 -9.19 -11.83
C CYS A 163 2.45 -7.95 -11.76
N ARG A 164 3.07 -6.80 -11.60
CA ARG A 164 2.34 -5.54 -11.52
C ARG A 164 2.92 -4.56 -12.54
N GLY A 165 3.58 -5.11 -13.55
CA GLY A 165 4.29 -4.33 -14.53
C GLY A 165 5.56 -5.06 -14.87
N THR A 166 6.39 -4.44 -15.72
CA THR A 166 7.54 -5.14 -16.30
C THR A 166 8.88 -4.64 -15.78
N GLU A 167 8.87 -3.71 -14.84
CA GLU A 167 10.13 -3.21 -14.28
C GLU A 167 10.88 -4.31 -13.53
N LEU A 168 12.20 -4.31 -13.66
CA LEU A 168 13.06 -5.26 -12.95
C LEU A 168 13.90 -4.53 -11.94
N ASP A 169 13.96 -5.06 -10.71
CA ASP A 169 14.82 -4.47 -9.69
C ASP A 169 16.22 -5.07 -9.82
N ASP A 170 17.17 -4.27 -10.28
CA ASP A 170 18.55 -4.70 -10.47
C ASP A 170 19.29 -4.90 -9.15
N GLY A 171 18.75 -4.33 -8.07
CA GLY A 171 19.34 -4.41 -6.75
C GLY A 171 20.57 -3.52 -6.61
N ILE A 172 21.08 -3.43 -5.39
CA ILE A 172 22.31 -2.67 -5.16
C ILE A 172 23.07 -3.32 -4.00
N GLN A 173 24.39 -3.36 -4.12
CA GLN A 173 25.24 -3.88 -3.07
C GLN A 173 25.61 -2.76 -2.08
N ALA A 174 25.66 -3.11 -0.79
CA ALA A 174 26.05 -2.17 0.24
C ALA A 174 27.55 -1.85 0.24
N ARG B 4 -24.36 5.64 18.06
CA ARG B 4 -24.41 5.67 16.60
C ARG B 4 -23.00 5.89 16.04
N TYR B 5 -22.59 5.02 15.13
CA TYR B 5 -21.23 5.10 14.60
C TYR B 5 -21.06 4.36 13.27
N LYS B 6 -20.56 5.08 12.28
CA LYS B 6 -20.35 4.53 10.96
C LYS B 6 -18.91 4.04 10.83
N ILE B 7 -18.72 3.04 9.98
CA ILE B 7 -17.41 2.47 9.63
C ILE B 7 -17.08 2.89 8.21
N PRO B 8 -15.84 3.33 7.95
CA PRO B 8 -15.53 3.58 6.54
C PRO B 8 -15.73 2.30 5.74
N VAL B 9 -16.35 2.39 4.56
CA VAL B 9 -16.63 1.19 3.79
C VAL B 9 -15.32 0.57 3.26
N GLU B 10 -14.27 1.37 3.23
CA GLU B 10 -12.97 0.90 2.75
C GLU B 10 -12.10 0.36 3.88
N ALA B 11 -12.61 0.40 5.12
CA ALA B 11 -11.81 -0.04 6.26
C ALA B 11 -11.65 -1.58 6.34
N ASP B 12 -10.60 -2.00 7.05
CA ASP B 12 -10.40 -3.40 7.43
C ASP B 12 -10.00 -4.35 6.29
N PHE B 13 -9.40 -3.80 5.25
CA PHE B 13 -8.74 -4.61 4.23
C PHE B 13 -7.24 -4.66 4.45
N LEU B 14 -6.62 -5.74 4.02
CA LEU B 14 -5.17 -5.80 3.90
C LEU B 14 -4.82 -6.47 2.56
N PHE B 15 -3.91 -5.85 1.83
CA PHE B 15 -3.41 -6.40 0.59
C PHE B 15 -1.96 -6.77 0.74
N ALA B 16 -1.66 -8.05 0.56
CA ALA B 16 -0.28 -8.50 0.59
C ALA B 16 0.14 -8.80 -0.84
N TYR B 17 0.74 -7.83 -1.53
CA TYR B 17 1.23 -8.05 -2.89
C TYR B 17 2.62 -8.62 -2.87
N SER B 18 2.90 -9.51 -3.83
CA SER B 18 4.22 -10.14 -3.95
C SER B 18 5.28 -9.14 -4.39
N THR B 19 4.83 -8.00 -4.94
CA THR B 19 5.79 -7.03 -5.48
C THR B 19 5.22 -5.59 -5.50
N VAL B 20 6.10 -4.62 -5.68
CA VAL B 20 5.71 -3.22 -5.72
C VAL B 20 5.05 -2.84 -7.05
N PRO B 21 4.27 -1.75 -7.08
CA PRO B 21 3.65 -1.39 -8.37
C PRO B 21 4.66 -1.18 -9.51
N GLY B 22 4.29 -1.64 -10.70
CA GLY B 22 5.14 -1.46 -11.87
C GLY B 22 6.18 -2.55 -12.07
N TYR B 23 6.35 -3.43 -11.09
CA TYR B 23 7.43 -4.42 -11.17
C TYR B 23 6.99 -5.84 -11.51
N TYR B 24 7.94 -6.60 -12.06
CA TYR B 24 7.82 -8.03 -12.27
C TYR B 24 7.74 -8.74 -10.90
N SER B 25 7.10 -9.91 -10.88
CA SER B 25 7.09 -10.76 -9.70
C SER B 25 7.67 -12.13 -10.07
N TRP B 26 8.71 -12.56 -9.37
CA TRP B 26 9.50 -13.75 -9.72
C TRP B 26 8.93 -15.09 -9.22
N ARG B 27 9.04 -16.11 -10.07
CA ARG B 27 8.54 -17.44 -9.73
C ARG B 27 9.51 -18.52 -10.18
N SER B 28 9.87 -19.44 -9.28
CA SER B 28 10.71 -20.58 -9.64
C SER B 28 9.83 -21.69 -10.22
N PRO B 29 10.11 -22.10 -11.47
CA PRO B 29 9.32 -23.16 -12.11
C PRO B 29 9.26 -24.45 -11.30
N GLY B 30 10.31 -24.77 -10.56
CA GLY B 30 10.36 -26.00 -9.78
C GLY B 30 9.94 -25.82 -8.32
N ARG B 31 10.13 -24.62 -7.76
CA ARG B 31 9.91 -24.43 -6.33
C ARG B 31 8.68 -23.61 -6.00
N GLY B 32 8.17 -22.89 -7.00
CA GLY B 32 7.05 -22.00 -6.80
C GLY B 32 7.50 -20.54 -6.72
N SER B 33 6.55 -19.64 -6.50
CA SER B 33 6.89 -18.21 -6.43
C SER B 33 7.66 -17.87 -5.15
N TRP B 34 8.65 -17.01 -5.31
CA TRP B 34 9.42 -16.45 -4.20
C TRP B 34 8.56 -16.04 -3.01
N PHE B 35 7.53 -15.26 -3.28
CA PHE B 35 6.67 -14.71 -2.24
C PHE B 35 5.91 -15.79 -1.48
N VAL B 36 5.35 -16.74 -2.22
CA VAL B 36 4.60 -17.81 -1.58
C VAL B 36 5.52 -18.73 -0.77
N GLN B 37 6.66 -19.11 -1.35
CA GLN B 37 7.66 -19.89 -0.62
C GLN B 37 7.95 -19.25 0.74
N ALA B 38 8.25 -17.96 0.72
CA ALA B 38 8.61 -17.23 1.93
C ALA B 38 7.43 -17.12 2.89
N LEU B 39 6.25 -16.83 2.35
CA LEU B 39 5.05 -16.70 3.17
C LEU B 39 4.74 -17.99 3.94
N CYS B 40 4.70 -19.12 3.24
CA CYS B 40 4.43 -20.41 3.87
C CYS B 40 5.47 -20.80 4.92
N SER B 41 6.73 -20.51 4.59
CA SER B 41 7.83 -20.78 5.50
C SER B 41 7.60 -20.01 6.81
N ILE B 42 7.29 -18.72 6.70
CA ILE B 42 7.04 -17.90 7.88
C ILE B 42 5.78 -18.33 8.64
N LEU B 43 4.71 -18.60 7.91
CA LEU B 43 3.47 -18.99 8.54
C LEU B 43 3.60 -20.32 9.27
N GLU B 44 4.30 -21.27 8.65
CA GLU B 44 4.50 -22.57 9.28
C GLU B 44 5.26 -22.44 10.60
N GLU B 45 6.24 -21.54 10.63
CA GLU B 45 7.06 -21.37 11.82
C GLU B 45 6.47 -20.42 12.86
N HIS B 46 5.79 -19.35 12.40
CA HIS B 46 5.35 -18.27 13.29
C HIS B 46 3.88 -17.85 13.16
N GLY B 47 3.14 -18.52 12.27
CA GLY B 47 1.78 -18.13 11.94
C GLY B 47 0.80 -17.95 13.09
N LYS B 48 1.00 -18.71 14.16
CA LYS B 48 0.11 -18.66 15.30
C LYS B 48 0.71 -17.86 16.47
N ASP B 49 1.84 -17.22 16.24
CA ASP B 49 2.53 -16.52 17.32
C ASP B 49 2.67 -15.01 17.09
N LEU B 50 2.77 -14.61 15.83
CA LEU B 50 3.06 -13.21 15.50
C LEU B 50 1.85 -12.45 14.98
N GLU B 51 1.90 -11.12 15.03
CA GLU B 51 0.85 -10.29 14.45
C GLU B 51 1.03 -10.32 12.93
N ILE B 52 -0.04 -10.08 12.18
CA ILE B 52 0.02 -10.16 10.72
C ILE B 52 1.13 -9.28 10.11
N MET B 53 1.35 -8.08 10.68
CA MET B 53 2.35 -7.17 10.14
C MET B 53 3.79 -7.62 10.40
N GLN B 54 4.02 -8.26 11.55
CA GLN B 54 5.32 -8.88 11.83
C GLN B 54 5.58 -10.01 10.83
N ILE B 55 4.54 -10.81 10.57
CA ILE B 55 4.63 -11.90 9.60
C ILE B 55 4.98 -11.39 8.20
N LEU B 56 4.23 -10.41 7.72
CA LEU B 56 4.40 -9.92 6.36
C LEU B 56 5.72 -9.14 6.19
N THR B 57 6.17 -8.53 7.29
CA THR B 57 7.48 -7.89 7.32
C THR B 57 8.62 -8.92 7.22
N ARG B 58 8.50 -10.04 7.92
CA ARG B 58 9.53 -11.08 7.81
C ARG B 58 9.50 -11.68 6.40
N VAL B 59 8.31 -11.76 5.83
CA VAL B 59 8.18 -12.17 4.43
C VAL B 59 8.94 -11.22 3.51
N ASN B 60 8.72 -9.91 3.70
CA ASN B 60 9.47 -8.88 2.96
C ASN B 60 10.94 -9.10 3.06
N ASP B 61 11.42 -9.28 4.28
CA ASP B 61 12.85 -9.49 4.52
C ASP B 61 13.35 -10.75 3.83
N ARG B 62 12.58 -11.84 3.93
CA ARG B 62 13.01 -13.11 3.35
C ARG B 62 13.17 -13.01 1.82
N VAL B 63 12.17 -12.45 1.17
CA VAL B 63 12.20 -12.29 -0.28
C VAL B 63 13.34 -11.37 -0.72
N ALA B 64 13.52 -10.29 0.03
CA ALA B 64 14.53 -9.28 -0.28
C ALA B 64 15.95 -9.83 -0.13
N ARG B 65 16.18 -10.65 0.90
CA ARG B 65 17.55 -11.07 1.21
C ARG B 65 17.94 -12.35 0.52
N HIS B 66 17.02 -13.31 0.47
CA HIS B 66 17.41 -14.68 0.18
C HIS B 66 17.10 -15.14 -1.23
N PHE B 67 16.51 -14.25 -2.03
CA PHE B 67 16.25 -14.60 -3.43
C PHE B 67 16.97 -13.67 -4.39
N GLU B 68 17.44 -14.22 -5.50
CA GLU B 68 18.06 -13.43 -6.54
C GLU B 68 17.90 -14.22 -7.83
N SER B 69 17.40 -13.56 -8.88
CA SER B 69 17.06 -14.29 -10.10
C SER B 69 18.30 -14.89 -10.76
N GLN B 70 18.09 -15.95 -11.54
CA GLN B 70 19.16 -16.56 -12.30
C GLN B 70 18.64 -16.83 -13.70
N SER B 71 19.41 -16.45 -14.70
CA SER B 71 18.99 -16.59 -16.09
C SER B 71 20.24 -16.57 -16.95
N ASP B 72 20.19 -17.24 -18.10
CA ASP B 72 21.26 -17.10 -19.09
C ASP B 72 21.05 -15.84 -19.93
N ASP B 73 19.86 -15.25 -19.82
CA ASP B 73 19.55 -13.95 -20.44
C ASP B 73 20.04 -12.87 -19.47
N PRO B 74 21.08 -12.12 -19.87
CA PRO B 74 21.65 -11.07 -19.01
C PRO B 74 20.60 -10.06 -18.53
N HIS B 75 19.59 -9.82 -19.36
CA HIS B 75 18.51 -8.90 -19.01
C HIS B 75 17.75 -9.39 -17.77
N PHE B 76 17.67 -10.71 -17.59
CA PHE B 76 16.85 -11.28 -16.51
C PHE B 76 17.67 -11.82 -15.35
N HIS B 77 18.98 -11.65 -15.42
CA HIS B 77 19.92 -12.28 -14.48
C HIS B 77 20.22 -11.42 -13.24
N GLU B 78 20.18 -12.07 -12.08
CA GLU B 78 20.57 -11.46 -10.80
C GLU B 78 19.66 -10.29 -10.37
N LYS B 79 18.38 -10.43 -10.65
CA LYS B 79 17.40 -9.43 -10.26
C LYS B 79 16.89 -9.70 -8.85
N LYS B 80 16.30 -8.67 -8.25
CA LYS B 80 15.84 -8.72 -6.86
C LYS B 80 14.36 -8.39 -6.78
N GLN B 81 13.77 -8.61 -5.61
CA GLN B 81 12.35 -8.36 -5.41
C GLN B 81 11.99 -7.91 -3.98
N ILE B 82 11.04 -6.99 -3.87
CA ILE B 82 10.51 -6.65 -2.57
C ILE B 82 8.99 -6.66 -2.65
N PRO B 83 8.31 -7.41 -1.76
CA PRO B 83 6.84 -7.34 -1.73
C PRO B 83 6.35 -6.02 -1.11
N CYS B 84 5.03 -5.91 -0.98
CA CYS B 84 4.38 -4.63 -0.75
C CYS B 84 3.11 -4.86 0.04
N VAL B 85 3.11 -4.45 1.30
CA VAL B 85 1.95 -4.61 2.17
C VAL B 85 1.10 -3.35 2.21
N VAL B 86 -0.18 -3.49 1.91
CA VAL B 86 -1.06 -2.33 2.00
C VAL B 86 -2.11 -2.58 3.08
N SER B 87 -2.06 -1.82 4.19
CA SER B 87 -2.99 -2.05 5.29
C SER B 87 -3.98 -0.91 5.54
N MET B 88 -5.25 -1.27 5.56
CA MET B 88 -6.30 -0.40 6.03
C MET B 88 -6.91 -1.02 7.27
N LEU B 89 -6.11 -1.82 7.97
CA LEU B 89 -6.55 -2.47 9.20
C LEU B 89 -6.62 -1.49 10.39
N THR B 90 -7.58 -1.73 11.29
CA THR B 90 -7.81 -0.80 12.40
C THR B 90 -7.49 -1.44 13.73
N LYS B 91 -7.08 -2.72 13.70
CA LYS B 91 -6.65 -3.44 14.90
C LYS B 91 -5.47 -4.38 14.61
N GLU B 92 -4.88 -4.95 15.67
CA GLU B 92 -3.86 -5.98 15.51
C GLU B 92 -4.51 -7.32 15.16
N LEU B 93 -3.87 -8.08 14.28
CA LEU B 93 -4.42 -9.36 13.82
C LEU B 93 -3.49 -10.52 14.17
N TYR B 94 -3.95 -11.32 15.14
CA TYR B 94 -3.32 -12.60 15.45
C TYR B 94 -4.28 -13.73 15.05
N PHE B 95 -3.74 -14.77 14.43
CA PHE B 95 -4.53 -15.96 14.14
C PHE B 95 -4.52 -16.85 15.37
N SER B 96 -5.47 -16.59 16.28
CA SER B 96 -5.43 -17.25 17.58
C SER B 96 -6.74 -17.92 17.97
N GLN B 97 -7.69 -18.00 17.03
CA GLN B 97 -8.93 -18.74 17.32
C GLN B 97 -8.69 -20.26 17.29
N TYR C 35 15.45 -9.11 13.33
CA TYR C 35 14.12 -8.60 13.13
C TYR C 35 13.82 -7.17 13.53
N GLN C 36 14.81 -6.37 13.87
CA GLN C 36 14.58 -4.96 14.15
C GLN C 36 15.59 -4.04 13.51
N TYR C 37 15.15 -2.89 13.03
CA TYR C 37 16.07 -1.91 12.45
C TYR C 37 17.01 -1.41 13.52
N ASN C 38 18.29 -1.34 13.16
CA ASN C 38 19.33 -0.86 14.08
C ASN C 38 19.13 0.62 14.41
N MET C 39 18.99 0.92 15.70
CA MET C 39 18.83 2.29 16.18
C MET C 39 20.12 2.80 16.84
N ASN C 40 21.17 2.00 16.82
CA ASN C 40 22.43 2.36 17.46
C ASN C 40 23.20 3.37 16.60
N PHE C 41 22.64 4.57 16.47
CA PHE C 41 23.26 5.60 15.65
C PHE C 41 23.36 6.92 16.42
N GLU C 42 24.24 7.81 15.98
CA GLU C 42 24.40 9.10 16.64
C GLU C 42 23.08 9.88 16.64
N LYS C 43 22.37 9.81 15.53
CA LYS C 43 21.12 10.56 15.39
C LYS C 43 20.00 9.64 14.92
N LEU C 44 18.79 9.92 15.40
CA LEU C 44 17.61 9.28 14.89
C LEU C 44 17.49 9.58 13.40
N GLY C 45 17.68 10.86 13.03
CA GLY C 45 17.71 11.23 11.62
C GLY C 45 17.05 12.54 11.27
N LYS C 46 17.00 12.83 9.98
CA LYS C 46 16.38 14.07 9.52
C LYS C 46 14.90 13.87 9.14
N CYS C 47 14.12 14.92 9.39
CA CYS C 47 12.72 14.93 9.00
C CYS C 47 12.42 16.25 8.31
N ILE C 48 12.01 16.16 7.05
CA ILE C 48 11.68 17.37 6.31
C ILE C 48 10.18 17.44 6.09
N ILE C 49 9.59 18.57 6.42
CA ILE C 49 8.16 18.78 6.29
C ILE C 49 7.87 19.85 5.23
N ILE C 50 7.04 19.50 4.26
CA ILE C 50 6.60 20.48 3.27
C ILE C 50 5.17 20.90 3.61
N ASN C 51 5.00 22.14 4.04
CA ASN C 51 3.70 22.65 4.46
C ASN C 51 3.14 23.61 3.42
N ASN C 52 2.32 23.09 2.50
CA ASN C 52 1.75 23.93 1.45
C ASN C 52 0.37 24.46 1.79
N LYS C 53 0.29 25.77 2.06
CA LYS C 53 -0.95 26.38 2.53
C LYS C 53 -1.58 27.28 1.47
N ASN C 54 -0.75 28.04 0.77
CA ASN C 54 -1.21 29.02 -0.22
C ASN C 54 -0.77 28.64 -1.63
N PHE C 55 -1.69 28.79 -2.58
CA PHE C 55 -1.47 28.31 -3.94
C PHE C 55 -1.70 29.41 -4.98
N ASP C 56 -0.87 29.43 -6.03
CA ASP C 56 -0.98 30.44 -7.08
C ASP C 56 -2.37 30.47 -7.69
N LYS C 57 -2.83 31.68 -7.99
CA LYS C 57 -4.16 31.91 -8.56
C LYS C 57 -4.41 31.07 -9.81
N VAL C 58 -3.34 30.79 -10.55
CA VAL C 58 -3.43 30.00 -11.78
C VAL C 58 -3.90 28.56 -11.54
N THR C 59 -3.58 27.99 -10.38
CA THR C 59 -3.96 26.61 -10.07
C THR C 59 -5.44 26.50 -9.71
N GLY C 60 -6.01 27.60 -9.24
CA GLY C 60 -7.40 27.63 -8.82
C GLY C 60 -7.65 26.95 -7.48
N MET C 61 -6.59 26.55 -6.79
CA MET C 61 -6.74 25.83 -5.53
C MET C 61 -6.89 26.79 -4.35
N GLY C 62 -7.77 26.44 -3.41
CA GLY C 62 -8.00 27.28 -2.25
C GLY C 62 -6.94 27.17 -1.16
N VAL C 63 -7.08 28.01 -0.15
CA VAL C 63 -6.21 28.00 1.01
C VAL C 63 -6.46 26.75 1.85
N ARG C 64 -5.39 26.14 2.35
CA ARG C 64 -5.53 24.99 3.24
C ARG C 64 -5.47 25.42 4.72
N ASN C 65 -6.51 26.10 5.19
CA ASN C 65 -6.55 26.55 6.59
C ASN C 65 -6.47 25.38 7.57
N GLY C 66 -5.72 25.56 8.64
CA GLY C 66 -5.53 24.49 9.60
C GLY C 66 -4.23 23.75 9.39
N THR C 67 -3.58 23.94 8.23
CA THR C 67 -2.37 23.19 7.93
C THR C 67 -1.19 23.66 8.78
N ASP C 68 -1.20 24.94 9.19
CA ASP C 68 -0.15 25.46 10.06
C ASP C 68 -0.11 24.73 11.41
N LYS C 69 -1.28 24.48 11.99
CA LYS C 69 -1.41 23.65 13.19
C LYS C 69 -0.87 22.22 12.98
N ASP C 70 -1.15 21.67 11.80
CA ASP C 70 -0.65 20.34 11.46
C ASP C 70 0.88 20.37 11.53
N ALA C 71 1.47 21.33 10.82
CA ALA C 71 2.93 21.41 10.71
C ALA C 71 3.59 21.65 12.07
N GLU C 72 2.94 22.47 12.90
CA GLU C 72 3.52 22.76 14.21
C GLU C 72 3.40 21.55 15.14
N ALA C 73 2.26 20.88 15.12
CA ALA C 73 2.10 19.71 15.96
C ALA C 73 3.06 18.57 15.51
N LEU C 74 3.22 18.41 14.20
CA LEU C 74 4.14 17.41 13.66
C LEU C 74 5.59 17.76 13.99
N PHE C 75 5.91 19.05 13.96
CA PHE C 75 7.24 19.53 14.33
C PHE C 75 7.53 19.10 15.77
N LYS C 76 6.56 19.25 16.65
CA LYS C 76 6.77 18.88 18.04
C LYS C 76 6.87 17.36 18.27
N CYS C 77 5.95 16.60 17.68
CA CYS C 77 5.94 15.14 17.84
C CYS C 77 7.20 14.51 17.34
N PHE C 78 7.55 14.86 16.11
CA PHE C 78 8.70 14.25 15.48
C PHE C 78 10.02 14.67 16.16
N ARG C 79 10.09 15.88 16.66
CA ARG C 79 11.21 16.36 17.45
C ARG C 79 11.32 15.57 18.73
N SER C 80 10.18 15.30 19.32
CA SER C 80 10.11 14.51 20.54
C SER C 80 10.61 13.07 20.35
N LEU C 81 10.37 12.49 19.18
CA LEU C 81 10.89 11.17 18.87
C LEU C 81 12.40 11.20 18.74
N GLY C 82 12.94 12.33 18.32
CA GLY C 82 14.38 12.50 18.20
C GLY C 82 14.87 13.00 16.86
N PHE C 83 13.96 13.21 15.91
CA PHE C 83 14.33 13.69 14.58
C PHE C 83 14.78 15.13 14.65
N ASP C 84 15.73 15.50 13.80
CA ASP C 84 16.00 16.91 13.54
C ASP C 84 15.03 17.36 12.44
N VAL C 85 14.10 18.22 12.80
CA VAL C 85 13.03 18.60 11.88
C VAL C 85 13.24 19.99 11.25
N ILE C 86 12.87 20.10 9.98
CA ILE C 86 12.78 21.39 9.30
C ILE C 86 11.46 21.47 8.52
N VAL C 87 10.88 22.65 8.49
CA VAL C 87 9.61 22.93 7.81
C VAL C 87 9.78 23.96 6.71
N TYR C 88 9.32 23.64 5.51
CA TYR C 88 9.32 24.59 4.41
C TYR C 88 7.88 24.86 4.01
N ASN C 89 7.52 26.14 3.93
CA ASN C 89 6.14 26.53 3.65
C ASN C 89 5.94 26.92 2.18
N ASP C 90 4.78 26.59 1.62
CA ASP C 90 4.39 27.08 0.28
C ASP C 90 5.52 26.89 -0.75
N CYS C 91 5.84 25.63 -1.05
CA CYS C 91 6.89 25.29 -2.00
C CYS C 91 6.32 25.05 -3.38
N SER C 92 6.97 25.59 -4.39
CA SER C 92 6.63 25.25 -5.77
C SER C 92 7.03 23.80 -6.01
N CYS C 93 6.57 23.25 -7.13
CA CYS C 93 6.93 21.91 -7.51
C CYS C 93 8.44 21.78 -7.61
N ALA C 94 9.07 22.72 -8.31
CA ALA C 94 10.52 22.67 -8.47
C ALA C 94 11.24 22.73 -7.13
N LYS C 95 10.73 23.54 -6.20
CA LYS C 95 11.36 23.68 -4.88
C LYS C 95 11.21 22.41 -4.05
N MET C 96 10.04 21.78 -4.12
CA MET C 96 9.85 20.45 -3.51
C MET C 96 10.80 19.39 -4.06
N GLN C 97 10.91 19.33 -5.39
CA GLN C 97 11.80 18.38 -6.05
C GLN C 97 13.24 18.57 -5.59
N ASP C 98 13.70 19.84 -5.62
CA ASP C 98 15.08 20.17 -5.27
C ASP C 98 15.40 19.88 -3.82
N LEU C 99 14.47 20.19 -2.92
CA LEU C 99 14.73 19.97 -1.49
C LEU C 99 14.89 18.49 -1.20
N LEU C 100 14.00 17.68 -1.75
CA LEU C 100 14.03 16.24 -1.50
C LEU C 100 15.27 15.63 -2.13
N LYS C 101 15.57 16.03 -3.36
CA LYS C 101 16.81 15.61 -4.00
C LYS C 101 18.01 15.98 -3.13
N LYS C 102 18.05 17.23 -2.68
CA LYS C 102 19.13 17.71 -1.83
C LYS C 102 19.18 16.93 -0.51
N ALA C 103 18.01 16.72 0.08
CA ALA C 103 17.92 15.94 1.32
C ALA C 103 18.48 14.52 1.11
N SER C 104 18.25 13.95 -0.06
CA SER C 104 18.81 12.63 -0.31
C SER C 104 20.35 12.69 -0.46
N GLU C 105 20.89 13.86 -0.78
CA GLU C 105 22.34 13.99 -0.97
C GLU C 105 23.08 14.35 0.30
N GLU C 106 22.35 14.50 1.40
CA GLU C 106 22.99 14.62 2.71
C GLU C 106 23.68 13.31 3.08
N ASP C 107 24.65 13.39 3.99
CA ASP C 107 25.32 12.21 4.49
C ASP C 107 24.57 11.69 5.71
N HIS C 108 23.89 10.55 5.53
CA HIS C 108 23.09 9.95 6.59
C HIS C 108 23.82 8.81 7.29
N THR C 109 25.15 8.77 7.14
CA THR C 109 25.94 7.70 7.72
C THR C 109 25.62 7.51 9.19
N ASN C 110 25.47 8.61 9.92
CA ASN C 110 25.25 8.57 11.36
C ASN C 110 23.79 8.73 11.77
N ALA C 111 22.89 8.48 10.84
CA ALA C 111 21.46 8.52 11.12
C ALA C 111 20.81 7.13 11.01
N ALA C 112 19.82 6.86 11.85
CA ALA C 112 19.12 5.57 11.83
C ALA C 112 18.08 5.48 10.71
N CYS C 113 17.46 6.62 10.37
CA CYS C 113 16.43 6.64 9.34
C CYS C 113 16.19 8.05 8.78
N PHE C 114 15.18 8.18 7.93
CA PHE C 114 14.84 9.47 7.34
C PHE C 114 13.32 9.59 7.27
N ALA C 115 12.79 10.80 7.44
CA ALA C 115 11.35 11.00 7.36
C ALA C 115 11.00 12.22 6.52
N CYS C 116 9.93 12.12 5.76
CA CYS C 116 9.44 13.25 5.00
C CYS C 116 7.93 13.38 5.20
N ILE C 117 7.46 14.61 5.42
CA ILE C 117 6.04 14.83 5.59
C ILE C 117 5.55 15.82 4.54
N LEU C 118 4.52 15.43 3.80
CA LEU C 118 3.95 16.29 2.76
C LEU C 118 2.52 16.66 3.16
N LEU C 119 2.24 17.95 3.22
CA LEU C 119 0.92 18.46 3.54
C LEU C 119 0.51 19.40 2.43
N SER C 120 -0.47 19.01 1.64
CA SER C 120 -0.86 19.80 0.48
C SER C 120 -2.19 19.33 -0.11
N HIS C 121 -2.60 19.97 -1.20
CA HIS C 121 -3.69 19.46 -2.01
C HIS C 121 -3.11 18.32 -2.82
N GLY C 122 -3.96 17.46 -3.33
CA GLY C 122 -3.48 16.37 -4.16
C GLY C 122 -4.53 15.82 -5.09
N GLU C 123 -4.07 14.99 -6.02
CA GLU C 123 -4.91 14.16 -6.86
C GLU C 123 -4.27 12.78 -6.89
N GLU C 124 -4.85 11.88 -7.69
CA GLU C 124 -4.32 10.53 -7.85
C GLU C 124 -2.84 10.54 -8.19
N ASN C 125 -2.04 9.91 -7.35
CA ASN C 125 -0.59 9.71 -7.58
C ASN C 125 0.24 10.97 -7.56
N VAL C 126 -0.39 12.06 -7.15
CA VAL C 126 0.21 13.33 -7.43
C VAL C 126 -0.03 14.33 -6.28
N ILE C 127 0.88 15.29 -6.14
CA ILE C 127 0.74 16.31 -5.10
C ILE C 127 1.00 17.71 -5.62
N TYR C 128 0.29 18.68 -5.04
CA TYR C 128 0.40 20.09 -5.44
C TYR C 128 1.55 20.81 -4.80
N GLY C 129 2.35 21.48 -5.64
CA GLY C 129 3.19 22.58 -5.21
C GLY C 129 2.32 23.84 -5.26
N LYS C 130 2.90 25.01 -5.02
CA LYS C 130 2.07 26.21 -5.02
C LYS C 130 1.65 26.56 -6.45
N ASP C 131 2.40 26.03 -7.42
CA ASP C 131 2.22 26.42 -8.81
C ASP C 131 1.63 25.32 -9.70
N GLY C 132 1.36 24.17 -9.10
CA GLY C 132 0.86 23.06 -9.90
C GLY C 132 1.09 21.72 -9.24
N VAL C 133 0.97 20.68 -10.06
CA VAL C 133 1.01 19.30 -9.63
C VAL C 133 2.36 18.63 -9.98
N THR C 134 2.83 17.75 -9.08
CA THR C 134 4.03 16.93 -9.33
C THR C 134 3.80 15.48 -8.90
N PRO C 135 4.36 14.51 -9.64
CA PRO C 135 4.24 13.09 -9.21
C PRO C 135 4.93 12.84 -7.87
N ILE C 136 4.22 12.18 -6.97
CA ILE C 136 4.76 11.78 -5.68
C ILE C 136 5.99 10.87 -5.86
N LYS C 137 5.93 9.99 -6.87
CA LYS C 137 7.05 9.06 -7.12
C LYS C 137 8.37 9.76 -7.52
N ASP C 138 8.28 10.91 -8.19
CA ASP C 138 9.47 11.71 -8.49
C ASP C 138 10.17 12.20 -7.22
N LEU C 139 9.39 12.47 -6.18
CA LEU C 139 9.95 12.97 -4.92
C LEU C 139 10.68 11.88 -4.17
N THR C 140 10.06 10.71 -4.08
CA THR C 140 10.62 9.60 -3.31
C THR C 140 11.76 8.87 -4.03
N ALA C 141 11.85 9.06 -5.35
CA ALA C 141 12.78 8.31 -6.19
C ALA C 141 14.22 8.53 -5.78
N HIS C 142 14.50 9.73 -5.26
CA HIS C 142 15.86 10.14 -4.92
C HIS C 142 16.43 9.27 -3.79
N PHE C 143 15.54 8.61 -3.07
CA PHE C 143 15.92 7.88 -1.87
C PHE C 143 16.04 6.38 -2.12
N ARG C 144 15.87 5.97 -3.37
CA ARG C 144 16.00 4.55 -3.73
C ARG C 144 17.39 4.03 -3.38
N GLY C 145 17.48 2.73 -3.08
CA GLY C 145 18.71 2.12 -2.63
C GLY C 145 19.94 2.43 -3.46
N ASP C 146 19.77 2.48 -4.78
CA ASP C 146 20.88 2.73 -5.69
C ASP C 146 21.19 4.21 -5.85
N ARG C 147 20.31 5.06 -5.31
CA ARG C 147 20.47 6.50 -5.50
C ARG C 147 20.84 7.22 -4.21
N CYS C 148 20.65 6.55 -3.08
CA CYS C 148 20.94 7.18 -1.81
C CYS C 148 21.64 6.17 -0.90
N LYS C 149 22.96 6.09 -1.03
CA LYS C 149 23.73 4.99 -0.45
C LYS C 149 23.72 5.01 1.07
N THR C 150 23.74 6.20 1.65
CA THR C 150 23.86 6.32 3.11
C THR C 150 22.57 6.05 3.87
N LEU C 151 21.47 5.87 3.15
CA LEU C 151 20.21 5.40 3.76
C LEU C 151 19.90 3.95 3.40
N LEU C 152 20.82 3.30 2.68
CA LEU C 152 20.60 1.89 2.28
C LEU C 152 20.42 1.02 3.52
N GLU C 153 19.36 0.21 3.52
CA GLU C 153 18.99 -0.69 4.64
C GLU C 153 18.46 0.06 5.85
N LYS C 154 18.17 1.34 5.64
CA LYS C 154 17.56 2.18 6.66
C LYS C 154 16.15 2.55 6.21
N PRO C 155 15.23 2.64 7.17
CA PRO C 155 13.84 2.99 6.87
C PRO C 155 13.68 4.39 6.36
N LYS C 156 12.96 4.50 5.25
CA LYS C 156 12.67 5.78 4.63
C LYS C 156 11.16 6.00 4.71
N LEU C 157 10.77 6.99 5.51
CA LEU C 157 9.37 7.18 5.90
C LEU C 157 8.76 8.41 5.25
N PHE C 158 7.62 8.20 4.59
CA PHE C 158 6.90 9.29 3.94
C PHE C 158 5.47 9.32 4.45
N PHE C 159 5.09 10.43 5.06
CA PHE C 159 3.74 10.65 5.55
C PHE C 159 3.08 11.68 4.64
N ILE C 160 1.95 11.31 4.04
CA ILE C 160 1.37 12.11 2.99
C ILE C 160 -0.09 12.49 3.31
N GLN C 161 -0.30 13.74 3.69
CA GLN C 161 -1.64 14.29 3.90
C GLN C 161 -2.03 15.06 2.63
N ALA C 162 -2.84 14.42 1.79
CA ALA C 162 -3.33 15.01 0.55
C ALA C 162 -4.49 14.18 -0.01
N CYS C 163 -5.42 14.82 -0.72
CA CYS C 163 -6.44 14.09 -1.48
C CYS C 163 -5.76 13.19 -2.51
N ARG C 164 -6.44 12.10 -2.87
CA ARG C 164 -5.90 11.16 -3.86
C ARG C 164 -6.96 10.91 -4.94
N GLY C 165 -7.85 11.87 -5.10
CA GLY C 165 -9.00 11.74 -5.97
C GLY C 165 -10.20 12.39 -5.30
N THR C 166 -11.38 12.28 -5.91
CA THR C 166 -12.54 13.04 -5.46
C THR C 166 -13.61 12.16 -4.81
N GLU C 167 -13.36 10.87 -4.72
CA GLU C 167 -14.34 9.94 -4.16
C GLU C 167 -14.57 10.20 -2.67
N LEU C 168 -15.81 10.06 -2.22
CA LEU C 168 -16.18 10.25 -0.81
C LEU C 168 -16.64 8.96 -0.18
N ASP C 169 -16.15 8.67 1.02
CA ASP C 169 -16.61 7.48 1.73
C ASP C 169 -17.90 7.80 2.52
N ASP C 170 -19.02 7.25 2.08
CA ASP C 170 -20.30 7.46 2.74
C ASP C 170 -20.41 6.73 4.08
N GLY C 171 -19.55 5.74 4.31
CA GLY C 171 -19.61 4.98 5.54
C GLY C 171 -20.77 4.01 5.57
N ILE C 172 -20.80 3.18 6.62
CA ILE C 172 -21.88 2.22 6.79
C ILE C 172 -22.06 1.97 8.29
N GLN C 173 -23.32 1.79 8.71
CA GLN C 173 -23.63 1.52 10.11
C GLN C 173 -23.55 0.03 10.44
N ALA C 174 -22.95 -0.28 11.59
CA ALA C 174 -22.95 -1.64 12.13
C ALA C 174 -24.29 -1.90 12.81
N ASP C 175 -25.17 -2.65 12.16
CA ASP C 175 -26.50 -2.94 12.71
C ASP C 175 -26.59 -4.35 13.29
N PRO D 3 30.65 -13.30 -1.04
CA PRO D 3 30.80 -11.85 -1.17
C PRO D 3 29.47 -11.17 -1.51
N ARG D 4 28.48 -11.94 -1.88
CA ARG D 4 27.37 -11.31 -2.55
C ARG D 4 26.08 -11.28 -1.78
N TYR D 5 25.54 -10.09 -1.56
CA TYR D 5 24.12 -9.91 -1.27
C TYR D 5 23.69 -8.52 -1.72
N LYS D 6 22.70 -8.48 -2.61
CA LYS D 6 22.15 -7.21 -3.04
C LYS D 6 20.85 -6.91 -2.29
N ILE D 7 20.54 -5.62 -2.19
CA ILE D 7 19.30 -5.14 -1.61
C ILE D 7 18.43 -4.64 -2.73
N PRO D 8 17.14 -5.00 -2.72
CA PRO D 8 16.22 -4.39 -3.70
C PRO D 8 16.25 -2.87 -3.56
N VAL D 9 16.27 -2.14 -4.68
CA VAL D 9 16.38 -0.69 -4.64
C VAL D 9 15.09 -0.10 -4.09
N GLU D 10 13.99 -0.85 -4.14
CA GLU D 10 12.71 -0.36 -3.65
C GLU D 10 12.44 -0.71 -2.19
N ALA D 11 13.36 -1.43 -1.56
CA ALA D 11 13.14 -1.90 -0.20
C ALA D 11 13.27 -0.80 0.85
N ASP D 12 12.65 -1.04 2.00
CA ASP D 12 12.81 -0.22 3.19
C ASP D 12 12.14 1.16 3.13
N PHE D 13 11.12 1.29 2.28
CA PHE D 13 10.26 2.47 2.31
C PHE D 13 8.98 2.19 3.08
N LEU D 14 8.41 3.24 3.68
CA LEU D 14 7.06 3.15 4.20
C LEU D 14 6.33 4.43 3.80
N PHE D 15 5.13 4.27 3.25
CA PHE D 15 4.29 5.41 2.91
C PHE D 15 3.05 5.34 3.77
N ALA D 16 2.85 6.37 4.58
CA ALA D 16 1.66 6.48 5.41
C ALA D 16 0.75 7.55 4.80
N TYR D 17 -0.19 7.11 3.96
CA TYR D 17 -1.15 8.03 3.34
C TYR D 17 -2.36 8.29 4.23
N SER D 18 -2.83 9.52 4.20
CA SER D 18 -3.96 9.91 5.01
C SER D 18 -5.24 9.26 4.51
N THR D 19 -5.23 8.77 3.28
CA THR D 19 -6.46 8.24 2.66
C THR D 19 -6.14 7.22 1.58
N VAL D 20 -7.14 6.43 1.19
CA VAL D 20 -7.00 5.39 0.16
C VAL D 20 -6.95 5.98 -1.27
N PRO D 21 -6.39 5.22 -2.26
CA PRO D 21 -6.31 5.75 -3.63
C PRO D 21 -7.69 6.12 -4.16
N GLY D 22 -7.78 7.22 -4.90
CA GLY D 22 -9.04 7.65 -5.47
C GLY D 22 -9.91 8.50 -4.55
N TYR D 23 -9.52 8.61 -3.27
CA TYR D 23 -10.38 9.31 -2.30
C TYR D 23 -9.98 10.71 -1.84
N TYR D 24 -10.98 11.45 -1.39
CA TYR D 24 -10.80 12.72 -0.73
C TYR D 24 -10.10 12.48 0.61
N SER D 25 -9.39 13.50 1.09
CA SER D 25 -8.79 13.47 2.42
C SER D 25 -9.27 14.70 3.20
N TRP D 26 -9.88 14.47 4.36
CA TRP D 26 -10.54 15.55 5.10
C TRP D 26 -9.63 16.38 6.00
N ARG D 27 -9.89 17.68 6.03
CA ARG D 27 -9.13 18.60 6.86
C ARG D 27 -10.08 19.60 7.52
N SER D 28 -9.94 19.77 8.84
CA SER D 28 -10.69 20.78 9.59
C SER D 28 -9.99 22.12 9.50
N PRO D 29 -10.68 23.15 8.96
CA PRO D 29 -10.06 24.48 8.83
C PRO D 29 -9.54 25.03 10.16
N GLY D 30 -10.18 24.69 11.27
CA GLY D 30 -9.73 25.20 12.56
C GLY D 30 -8.77 24.29 13.34
N ARG D 31 -8.91 22.98 13.17
CA ARG D 31 -8.09 22.01 13.89
C ARG D 31 -7.00 21.29 13.09
N GLY D 32 -7.09 21.35 11.78
CA GLY D 32 -6.14 20.65 10.95
C GLY D 32 -6.68 19.36 10.35
N SER D 33 -5.82 18.63 9.65
CA SER D 33 -6.25 17.39 9.01
C SER D 33 -6.53 16.27 10.02
N TRP D 34 -7.60 15.54 9.78
CA TRP D 34 -7.94 14.33 10.53
C TRP D 34 -6.73 13.41 10.78
N PHE D 35 -5.97 13.13 9.73
CA PHE D 35 -4.85 12.20 9.82
C PHE D 35 -3.73 12.71 10.71
N VAL D 36 -3.36 13.98 10.52
CA VAL D 36 -2.28 14.57 11.31
C VAL D 36 -2.68 14.69 12.77
N GLN D 37 -3.90 15.18 13.03
CA GLN D 37 -4.45 15.24 14.39
C GLN D 37 -4.28 13.88 15.08
N ALA D 38 -4.71 12.84 14.38
CA ALA D 38 -4.68 11.50 14.94
C ALA D 38 -3.26 10.99 15.13
N LEU D 39 -2.41 11.21 14.12
CA LEU D 39 -1.03 10.77 14.16
C LEU D 39 -0.26 11.40 15.34
N CYS D 40 -0.37 12.72 15.47
CA CYS D 40 0.30 13.37 16.57
C CYS D 40 -0.20 12.88 17.91
N SER D 41 -1.51 12.66 18.00
CA SER D 41 -2.10 12.20 19.25
C SER D 41 -1.52 10.83 19.67
N ILE D 42 -1.49 9.89 18.73
CA ILE D 42 -0.95 8.55 18.98
C ILE D 42 0.56 8.60 19.29
N LEU D 43 1.31 9.38 18.52
CA LEU D 43 2.75 9.48 18.72
C LEU D 43 3.09 10.09 20.07
N GLU D 44 2.32 11.10 20.48
CA GLU D 44 2.56 11.75 21.75
C GLU D 44 2.40 10.72 22.87
N GLU D 45 1.41 9.86 22.75
CA GLU D 45 1.13 8.88 23.79
C GLU D 45 1.99 7.62 23.69
N HIS D 46 2.25 7.16 22.46
CA HIS D 46 2.85 5.85 22.25
C HIS D 46 4.08 5.82 21.33
N GLY D 47 4.46 6.98 20.80
CA GLY D 47 5.55 7.06 19.84
C GLY D 47 6.85 6.39 20.23
N LYS D 48 7.14 6.36 21.53
CA LYS D 48 8.39 5.80 22.02
C LYS D 48 8.24 4.37 22.58
N ASP D 49 7.05 3.78 22.45
CA ASP D 49 6.77 2.46 23.00
C ASP D 49 6.37 1.40 21.98
N LEU D 50 5.68 1.82 20.92
CA LEU D 50 5.12 0.85 19.97
C LEU D 50 5.91 0.78 18.67
N GLU D 51 5.76 -0.31 17.93
CA GLU D 51 6.40 -0.46 16.63
C GLU D 51 5.65 0.44 15.64
N ILE D 52 6.31 0.85 14.55
CA ILE D 52 5.69 1.80 13.61
C ILE D 52 4.32 1.32 13.09
N MET D 53 4.18 0.02 12.83
CA MET D 53 2.93 -0.50 12.30
C MET D 53 1.82 -0.51 13.35
N GLN D 54 2.17 -0.72 14.61
CA GLN D 54 1.21 -0.60 15.70
C GLN D 54 0.66 0.81 15.80
N ILE D 55 1.56 1.78 15.68
CA ILE D 55 1.17 3.16 15.71
C ILE D 55 0.21 3.49 14.58
N LEU D 56 0.59 3.12 13.36
CA LEU D 56 -0.22 3.51 12.20
C LEU D 56 -1.57 2.81 12.14
N THR D 57 -1.62 1.62 12.72
CA THR D 57 -2.87 0.89 12.87
C THR D 57 -3.82 1.63 13.85
N ARG D 58 -3.28 2.12 14.97
CA ARG D 58 -4.08 2.91 15.91
C ARG D 58 -4.51 4.23 15.28
N VAL D 59 -3.63 4.78 14.46
CA VAL D 59 -3.99 5.93 13.67
C VAL D 59 -5.16 5.60 12.74
N ASN D 60 -5.09 4.48 12.02
CA ASN D 60 -6.21 4.04 11.18
C ASN D 60 -7.53 3.97 11.94
N ASP D 61 -7.49 3.29 13.09
CA ASP D 61 -8.63 3.14 13.96
C ASP D 61 -9.14 4.52 14.43
N ARG D 62 -8.23 5.40 14.84
CA ARG D 62 -8.63 6.72 15.37
C ARG D 62 -9.33 7.54 14.29
N VAL D 63 -8.77 7.53 13.08
CA VAL D 63 -9.39 8.24 11.96
C VAL D 63 -10.76 7.66 11.58
N ALA D 64 -10.84 6.33 11.57
CA ALA D 64 -12.07 5.62 11.18
C ALA D 64 -13.25 5.82 12.16
N ARG D 65 -12.97 5.81 13.46
CA ARG D 65 -14.03 5.80 14.45
C ARG D 65 -14.42 7.19 14.95
N HIS D 66 -13.45 8.12 14.96
CA HIS D 66 -13.65 9.33 15.74
C HIS D 66 -13.86 10.59 14.91
N PHE D 67 -13.78 10.44 13.58
CA PHE D 67 -14.02 11.57 12.69
C PHE D 67 -15.17 11.29 11.74
N GLU D 68 -15.93 12.35 11.47
CA GLU D 68 -17.02 12.29 10.50
C GLU D 68 -17.31 13.71 9.99
N SER D 69 -17.35 13.88 8.68
CA SER D 69 -17.42 15.22 8.11
C SER D 69 -18.72 15.92 8.48
N GLN D 70 -18.68 17.25 8.44
CA GLN D 70 -19.87 18.04 8.69
C GLN D 70 -19.96 19.15 7.67
N SER D 71 -21.13 19.30 7.06
CA SER D 71 -21.29 20.27 6.00
C SER D 71 -22.77 20.62 5.82
N ASP D 72 -23.05 21.85 5.38
CA ASP D 72 -24.39 22.21 4.96
C ASP D 72 -24.63 21.74 3.53
N ASP D 73 -23.55 21.36 2.83
CA ASP D 73 -23.65 20.77 1.50
C ASP D 73 -23.91 19.28 1.69
N PRO D 74 -25.12 18.83 1.31
CA PRO D 74 -25.53 17.43 1.48
C PRO D 74 -24.52 16.48 0.85
N HIS D 75 -23.88 16.90 -0.24
CA HIS D 75 -22.86 16.11 -0.91
C HIS D 75 -21.65 15.81 -0.02
N PHE D 76 -21.33 16.74 0.88
CA PHE D 76 -20.11 16.61 1.68
C PHE D 76 -20.36 16.23 3.13
N HIS D 77 -21.62 16.00 3.46
CA HIS D 77 -22.03 15.82 4.86
C HIS D 77 -21.95 14.36 5.33
N GLU D 78 -21.38 14.19 6.53
CA GLU D 78 -21.33 12.91 7.23
C GLU D 78 -20.52 11.84 6.49
N LYS D 79 -19.42 12.27 5.88
CA LYS D 79 -18.52 11.34 5.21
C LYS D 79 -17.42 10.82 6.13
N LYS D 80 -16.78 9.74 5.71
CA LYS D 80 -15.82 9.03 6.52
C LYS D 80 -14.46 8.91 5.83
N GLN D 81 -13.47 8.45 6.58
CA GLN D 81 -12.12 8.32 6.04
C GLN D 81 -11.34 7.18 6.68
N ILE D 82 -10.55 6.50 5.87
CA ILE D 82 -9.61 5.54 6.40
C ILE D 82 -8.27 5.84 5.73
N PRO D 83 -7.21 5.97 6.54
CA PRO D 83 -5.87 6.09 5.95
C PRO D 83 -5.39 4.75 5.36
N CYS D 84 -4.16 4.76 4.85
CA CYS D 84 -3.67 3.72 3.97
C CYS D 84 -2.16 3.60 4.16
N VAL D 85 -1.71 2.53 4.80
CA VAL D 85 -0.30 2.33 5.05
C VAL D 85 0.29 1.41 3.98
N VAL D 86 1.36 1.84 3.31
CA VAL D 86 2.05 0.99 2.35
C VAL D 86 3.47 0.68 2.85
N SER D 87 3.74 -0.57 3.21
CA SER D 87 5.05 -0.92 3.77
C SER D 87 5.88 -1.85 2.88
N MET D 88 7.10 -1.42 2.61
CA MET D 88 8.13 -2.26 2.00
C MET D 88 9.26 -2.39 3.00
N LEU D 89 8.95 -2.20 4.28
CA LEU D 89 9.93 -2.38 5.35
C LEU D 89 10.29 -3.85 5.51
N THR D 90 11.53 -4.11 5.92
CA THR D 90 12.06 -5.48 6.04
C THR D 90 12.36 -5.85 7.49
N LYS D 91 12.16 -4.90 8.41
CA LYS D 91 12.31 -5.15 9.85
C LYS D 91 11.29 -4.36 10.66
N GLU D 92 11.22 -4.63 11.96
CA GLU D 92 10.39 -3.84 12.87
C GLU D 92 11.07 -2.50 13.18
N LEU D 93 10.28 -1.44 13.27
CA LEU D 93 10.80 -0.10 13.55
C LEU D 93 10.26 0.47 14.86
N TYR D 94 11.16 0.58 15.84
CA TYR D 94 10.90 1.31 17.08
C TYR D 94 11.73 2.59 17.08
N PHE D 95 11.13 3.71 17.48
CA PHE D 95 11.90 4.93 17.69
C PHE D 95 12.49 4.91 19.08
N SER D 96 13.66 4.30 19.21
CA SER D 96 14.26 4.06 20.53
C SER D 96 15.73 4.48 20.64
N GLN D 97 15.99 5.54 21.40
CA GLN D 97 17.35 5.98 21.74
C GLN D 97 17.33 7.19 22.69
N SER E 12 -18.62 -33.81 13.54
CA SER E 12 -17.81 -34.96 13.88
C SER E 12 -16.34 -34.79 13.49
N ASP E 13 -15.45 -35.13 14.42
CA ASP E 13 -14.03 -35.24 14.10
C ASP E 13 -13.81 -36.34 13.06
N LEU E 14 -14.58 -37.43 13.16
CA LEU E 14 -14.50 -38.52 12.19
C LEU E 14 -15.00 -38.11 10.80
N GLY E 15 -16.01 -37.25 10.74
CA GLY E 15 -16.48 -36.74 9.47
C GLY E 15 -15.39 -35.90 8.82
N LYS E 16 -14.70 -35.11 9.62
CA LYS E 16 -13.59 -34.34 9.14
C LYS E 16 -12.41 -35.13 8.66
N LYS E 17 -12.04 -36.15 9.40
CA LYS E 17 -10.95 -37.05 9.00
C LYS E 17 -11.29 -37.80 7.71
N LEU E 18 -12.56 -38.12 7.52
CA LEU E 18 -13.01 -38.76 6.30
C LEU E 18 -12.89 -37.82 5.09
N LEU E 19 -13.27 -36.56 5.29
CA LEU E 19 -13.11 -35.55 4.25
C LEU E 19 -11.66 -35.42 3.82
N GLU E 20 -10.74 -35.34 4.77
CA GLU E 20 -9.33 -35.18 4.45
C GLU E 20 -8.71 -36.44 3.85
N ALA E 21 -9.06 -37.60 4.39
CA ALA E 21 -8.63 -38.87 3.83
C ALA E 21 -9.04 -38.97 2.37
N ALA E 22 -10.27 -38.56 2.07
CA ALA E 22 -10.80 -38.68 0.72
C ALA E 22 -10.10 -37.72 -0.27
N ARG E 23 -9.80 -36.51 0.20
N ARG E 23 -9.81 -36.50 0.18
CA ARG E 23 -9.12 -35.53 -0.61
CA ARG E 23 -9.11 -35.54 -0.68
C ARG E 23 -7.70 -35.99 -0.96
C ARG E 23 -7.70 -36.03 -0.98
N ALA E 24 -7.00 -36.52 0.04
CA ALA E 24 -5.61 -36.94 -0.10
C ALA E 24 -5.45 -38.27 -0.81
N GLY E 25 -6.55 -39.01 -0.98
CA GLY E 25 -6.48 -40.31 -1.63
C GLY E 25 -6.04 -41.45 -0.74
N GLN E 26 -6.22 -41.29 0.57
CA GLN E 26 -5.89 -42.34 1.55
C GLN E 26 -6.91 -43.48 1.56
N ASP E 27 -6.73 -44.45 0.67
CA ASP E 27 -7.68 -45.55 0.48
C ASP E 27 -7.99 -46.33 1.75
N ASP E 28 -6.94 -46.78 2.43
CA ASP E 28 -7.09 -47.58 3.64
C ASP E 28 -7.75 -46.78 4.74
N GLU E 29 -7.33 -45.53 4.87
CA GLU E 29 -7.88 -44.65 5.89
C GLU E 29 -9.37 -44.43 5.68
N VAL E 30 -9.78 -44.32 4.42
CA VAL E 30 -11.19 -44.13 4.10
C VAL E 30 -12.04 -45.31 4.54
N ARG E 31 -11.62 -46.52 4.19
CA ARG E 31 -12.37 -47.73 4.55
C ARG E 31 -12.48 -47.90 6.06
N ILE E 32 -11.37 -47.68 6.74
CA ILE E 32 -11.33 -47.74 8.21
C ILE E 32 -12.33 -46.80 8.87
N LEU E 33 -12.36 -45.54 8.43
CA LEU E 33 -13.28 -44.57 9.01
C LEU E 33 -14.75 -44.96 8.77
N MET E 34 -15.04 -45.49 7.58
CA MET E 34 -16.39 -45.98 7.26
C MET E 34 -16.85 -47.12 8.17
N ALA E 35 -15.99 -48.13 8.34
CA ALA E 35 -16.29 -49.25 9.21
C ALA E 35 -16.54 -48.78 10.65
N ASN E 36 -15.87 -47.70 11.03
CA ASN E 36 -15.96 -47.11 12.37
C ASN E 36 -17.13 -46.14 12.54
N GLY E 37 -17.95 -46.00 11.51
CA GLY E 37 -19.20 -45.24 11.60
C GLY E 37 -19.15 -43.78 11.19
N ALA E 38 -18.10 -43.41 10.45
CA ALA E 38 -17.96 -42.06 9.94
C ALA E 38 -19.13 -41.76 9.00
N ASP E 39 -19.66 -40.54 9.10
CA ASP E 39 -20.76 -40.10 8.25
C ASP E 39 -20.27 -39.97 6.81
N VAL E 40 -20.84 -40.76 5.89
CA VAL E 40 -20.41 -40.75 4.49
C VAL E 40 -20.79 -39.41 3.85
N ASN E 41 -21.83 -38.81 4.38
CA ASN E 41 -22.34 -37.56 3.84
C ASN E 41 -21.86 -36.34 4.62
N ALA E 42 -20.72 -36.47 5.28
CA ALA E 42 -20.11 -35.36 6.04
C ALA E 42 -19.84 -34.18 5.12
N ASP E 43 -19.95 -32.98 5.67
CA ASP E 43 -19.92 -31.77 4.89
C ASP E 43 -18.87 -30.81 5.45
N ASP E 44 -18.07 -30.19 4.58
CA ASP E 44 -17.13 -29.18 5.07
C ASP E 44 -17.77 -27.79 4.98
N ALA E 45 -17.03 -26.76 5.33
CA ALA E 45 -17.60 -25.41 5.41
C ALA E 45 -18.05 -24.85 4.05
N TRP E 46 -17.52 -25.42 2.97
CA TRP E 46 -17.88 -25.04 1.60
C TRP E 46 -18.91 -25.98 1.00
N GLY E 47 -19.50 -26.83 1.84
CA GLY E 47 -20.47 -27.80 1.41
C GLY E 47 -19.95 -28.93 0.55
N GLN E 48 -18.63 -29.15 0.56
CA GLN E 48 -18.07 -30.28 -0.21
C GLN E 48 -18.05 -31.54 0.65
N THR E 49 -18.45 -32.67 0.06
CA THR E 49 -18.51 -33.97 0.73
C THR E 49 -17.26 -34.78 0.38
N PRO E 50 -17.03 -35.91 1.09
CA PRO E 50 -15.89 -36.77 0.70
C PRO E 50 -15.97 -37.18 -0.76
N LEU E 51 -17.20 -37.38 -1.23
CA LEU E 51 -17.41 -37.75 -2.62
C LEU E 51 -16.94 -36.64 -3.57
N HIS E 52 -17.27 -35.38 -3.25
CA HIS E 52 -16.77 -34.20 -3.99
C HIS E 52 -15.26 -34.21 -4.12
N LEU E 53 -14.59 -34.43 -3.00
CA LEU E 53 -13.14 -34.32 -2.91
C LEU E 53 -12.43 -35.49 -3.60
N ALA E 54 -12.97 -36.70 -3.45
CA ALA E 54 -12.41 -37.86 -4.14
C ALA E 54 -12.63 -37.74 -5.65
N ALA E 55 -13.83 -37.32 -6.03
CA ALA E 55 -14.19 -37.20 -7.44
C ALA E 55 -13.29 -36.19 -8.14
N GLN E 56 -13.05 -35.07 -7.47
CA GLN E 56 -12.26 -33.98 -8.04
C GLN E 56 -10.79 -34.37 -8.24
N ASN E 57 -10.26 -35.15 -7.31
CA ASN E 57 -8.84 -35.50 -7.31
C ASN E 57 -8.51 -36.87 -7.92
N GLY E 58 -9.46 -37.45 -8.64
CA GLY E 58 -9.21 -38.65 -9.40
C GLY E 58 -9.10 -39.96 -8.62
N HIS E 59 -9.65 -40.00 -7.40
CA HIS E 59 -9.52 -41.15 -6.53
C HIS E 59 -10.66 -42.16 -6.74
N LEU E 60 -10.52 -42.95 -7.80
CA LEU E 60 -11.56 -43.86 -8.28
C LEU E 60 -12.07 -44.87 -7.24
N GLU E 61 -11.14 -45.53 -6.57
CA GLU E 61 -11.49 -46.56 -5.60
C GLU E 61 -12.14 -45.96 -4.35
N ILE E 62 -11.70 -44.77 -3.96
CA ILE E 62 -12.37 -44.06 -2.88
C ILE E 62 -13.79 -43.62 -3.31
N VAL E 63 -13.93 -43.13 -4.53
CA VAL E 63 -15.24 -42.76 -5.04
C VAL E 63 -16.18 -43.95 -4.96
N GLU E 64 -15.70 -45.11 -5.38
CA GLU E 64 -16.51 -46.32 -5.38
C GLU E 64 -16.85 -46.83 -3.98
N VAL E 65 -15.90 -46.80 -3.05
CA VAL E 65 -16.24 -47.25 -1.70
C VAL E 65 -17.30 -46.32 -1.07
N LEU E 66 -17.16 -45.02 -1.29
CA LEU E 66 -18.12 -44.04 -0.78
C LEU E 66 -19.51 -44.30 -1.37
N LEU E 67 -19.54 -44.55 -2.68
CA LEU E 67 -20.77 -44.81 -3.40
C LEU E 67 -21.50 -46.04 -2.84
N LYS E 68 -20.74 -47.10 -2.55
CA LYS E 68 -21.34 -48.33 -2.05
C LYS E 68 -21.90 -48.14 -0.64
N HIS E 69 -21.39 -47.12 0.07
CA HIS E 69 -21.88 -46.80 1.41
C HIS E 69 -22.92 -45.69 1.41
N ASP E 70 -23.65 -45.59 0.30
CA ASP E 70 -24.81 -44.70 0.16
C ASP E 70 -24.50 -43.21 0.20
N ALA E 71 -23.34 -42.80 -0.31
CA ALA E 71 -23.04 -41.38 -0.41
C ALA E 71 -24.04 -40.72 -1.34
N ASP E 72 -24.47 -39.52 -0.98
CA ASP E 72 -25.38 -38.74 -1.80
C ASP E 72 -24.64 -38.39 -3.10
N VAL E 73 -24.96 -39.11 -4.17
CA VAL E 73 -24.30 -38.92 -5.46
C VAL E 73 -24.55 -37.51 -6.04
N ASN E 74 -25.65 -36.87 -5.62
CA ASN E 74 -26.05 -35.57 -6.14
C ASN E 74 -25.96 -34.46 -5.08
N ALA E 75 -25.11 -34.65 -4.08
CA ALA E 75 -24.89 -33.60 -3.10
C ALA E 75 -24.28 -32.38 -3.80
N THR E 76 -24.79 -31.20 -3.45
CA THR E 76 -24.31 -29.94 -4.02
C THR E 76 -23.58 -29.11 -2.97
N ASP E 77 -22.52 -28.44 -3.41
CA ASP E 77 -21.74 -27.59 -2.52
C ASP E 77 -22.21 -26.13 -2.57
N TRP E 78 -21.39 -25.24 -2.00
CA TRP E 78 -21.77 -23.84 -1.80
C TRP E 78 -22.16 -23.12 -3.09
N VAL E 79 -21.61 -23.55 -4.24
CA VAL E 79 -21.99 -22.95 -5.53
C VAL E 79 -22.75 -23.96 -6.40
N GLY E 80 -23.39 -24.92 -5.75
CA GLY E 80 -24.26 -25.87 -6.42
C GLY E 80 -23.59 -26.92 -7.30
N MET E 81 -22.29 -27.13 -7.14
CA MET E 81 -21.61 -28.14 -7.95
C MET E 81 -21.75 -29.52 -7.31
N THR E 82 -22.02 -30.51 -8.14
CA THR E 82 -22.11 -31.89 -7.73
C THR E 82 -20.77 -32.57 -8.00
N PRO E 83 -20.55 -33.76 -7.42
CA PRO E 83 -19.33 -34.53 -7.71
C PRO E 83 -19.16 -34.81 -9.21
N LEU E 84 -20.26 -34.94 -9.95
CA LEU E 84 -20.17 -35.15 -11.40
C LEU E 84 -19.59 -33.92 -12.12
N HIS E 85 -20.05 -32.72 -11.74
CA HIS E 85 -19.46 -31.48 -12.24
C HIS E 85 -17.94 -31.52 -12.07
N LEU E 86 -17.48 -31.83 -10.87
CA LEU E 86 -16.05 -31.77 -10.59
C LEU E 86 -15.28 -32.81 -11.39
N ALA E 87 -15.81 -34.03 -11.48
CA ALA E 87 -15.18 -35.11 -12.25
C ALA E 87 -15.14 -34.83 -13.76
N ALA E 88 -16.27 -34.37 -14.31
CA ALA E 88 -16.35 -34.00 -15.72
C ALA E 88 -15.33 -32.93 -16.09
N ASP E 89 -15.19 -31.91 -15.23
CA ASP E 89 -14.26 -30.81 -15.46
C ASP E 89 -12.81 -31.27 -15.52
N ASP E 90 -12.44 -32.21 -14.65
CA ASP E 90 -11.03 -32.60 -14.51
C ASP E 90 -10.66 -33.79 -15.38
N GLY E 91 -11.64 -34.35 -16.07
CA GLY E 91 -11.39 -35.40 -17.05
C GLY E 91 -11.27 -36.79 -16.48
N HIS E 92 -11.86 -37.04 -15.32
CA HIS E 92 -11.77 -38.36 -14.71
C HIS E 92 -12.86 -39.28 -15.27
N LEU E 93 -12.54 -39.94 -16.38
CA LEU E 93 -13.51 -40.74 -17.11
C LEU E 93 -14.17 -41.81 -16.25
N GLU E 94 -13.36 -42.62 -15.57
CA GLU E 94 -13.92 -43.73 -14.79
C GLU E 94 -14.76 -43.22 -13.62
N ILE E 95 -14.35 -42.12 -13.02
CA ILE E 95 -15.12 -41.53 -11.94
C ILE E 95 -16.48 -41.04 -12.46
N VAL E 96 -16.47 -40.37 -13.61
CA VAL E 96 -17.71 -39.96 -14.26
C VAL E 96 -18.69 -41.13 -14.43
N GLU E 97 -18.19 -42.25 -14.95
CA GLU E 97 -19.04 -43.42 -15.12
C GLU E 97 -19.58 -43.98 -13.80
N ALA E 98 -18.71 -44.11 -12.80
CA ALA E 98 -19.15 -44.61 -11.50
C ALA E 98 -20.28 -43.76 -10.95
N LEU E 99 -20.10 -42.44 -11.02
CA LEU E 99 -21.12 -41.49 -10.59
C LEU E 99 -22.43 -41.65 -11.39
N LEU E 100 -22.31 -41.77 -12.70
CA LEU E 100 -23.51 -41.94 -13.54
C LEU E 100 -24.24 -43.25 -13.21
N LYS E 101 -23.48 -44.29 -12.89
CA LYS E 101 -24.07 -45.61 -12.59
C LYS E 101 -24.81 -45.57 -11.26
N TYR E 102 -24.48 -44.60 -10.42
CA TYR E 102 -25.12 -44.51 -9.12
C TYR E 102 -26.20 -43.43 -9.10
N GLY E 103 -26.55 -42.94 -10.29
CA GLY E 103 -27.69 -42.06 -10.49
C GLY E 103 -27.39 -40.57 -10.41
N ALA E 104 -26.14 -40.19 -10.67
CA ALA E 104 -25.78 -38.77 -10.73
C ALA E 104 -26.63 -38.10 -11.81
N ASP E 105 -27.09 -36.90 -11.50
CA ASP E 105 -27.91 -36.10 -12.41
C ASP E 105 -27.05 -35.62 -13.59
N VAL E 106 -27.24 -36.21 -14.75
CA VAL E 106 -26.40 -35.87 -15.91
C VAL E 106 -26.58 -34.42 -16.38
N ASN E 107 -27.69 -33.80 -16.02
CA ASN E 107 -28.01 -32.46 -16.51
C ASN E 107 -28.00 -31.35 -15.46
N ALA E 108 -27.33 -31.63 -14.34
CA ALA E 108 -27.28 -30.69 -13.23
C ALA E 108 -26.61 -29.39 -13.65
N TYR E 109 -27.29 -28.27 -13.37
CA TYR E 109 -26.71 -26.94 -13.49
C TYR E 109 -26.17 -26.49 -12.14
N ASP E 110 -24.92 -26.02 -12.11
CA ASP E 110 -24.41 -25.40 -10.88
C ASP E 110 -24.83 -23.93 -10.89
N GLN E 111 -24.47 -23.20 -9.84
CA GLN E 111 -24.89 -21.80 -9.70
C GLN E 111 -24.15 -20.86 -10.66
N LEU E 112 -23.21 -21.41 -11.42
CA LEU E 112 -22.39 -20.61 -12.34
C LEU E 112 -22.78 -20.87 -13.80
N GLY E 113 -23.79 -21.70 -14.01
CA GLY E 113 -24.29 -22.00 -15.34
C GLY E 113 -23.59 -23.16 -16.04
N ASN E 114 -22.82 -23.93 -15.28
CA ASN E 114 -22.13 -25.09 -15.82
C ASN E 114 -22.98 -26.37 -15.83
N THR E 115 -22.86 -27.16 -16.91
CA THR E 115 -23.38 -28.53 -16.94
C THR E 115 -22.22 -29.47 -17.17
N PRO E 116 -22.36 -30.74 -16.78
CA PRO E 116 -21.25 -31.69 -17.01
C PRO E 116 -20.83 -31.76 -18.47
N LEU E 117 -21.81 -31.80 -19.38
CA LEU E 117 -21.54 -31.84 -20.80
C LEU E 117 -20.70 -30.64 -21.26
N ASN E 118 -21.10 -29.46 -20.82
CA ASN E 118 -20.42 -28.24 -21.21
C ASN E 118 -19.02 -28.14 -20.61
N LEU E 119 -18.88 -28.55 -19.35
CA LEU E 119 -17.56 -28.67 -18.73
C LEU E 119 -16.66 -29.61 -19.53
N ALA E 120 -17.20 -30.78 -19.87
CA ALA E 120 -16.45 -31.78 -20.59
C ALA E 120 -16.09 -31.33 -22.01
N ALA E 121 -17.03 -30.67 -22.68
CA ALA E 121 -16.82 -30.14 -24.02
C ALA E 121 -15.70 -29.11 -24.05
N THR E 122 -15.66 -28.25 -23.02
CA THR E 122 -14.67 -27.18 -22.93
C THR E 122 -13.24 -27.72 -22.98
N ASP E 123 -12.98 -28.79 -22.26
CA ASP E 123 -11.62 -29.32 -22.17
C ASP E 123 -11.34 -30.42 -23.20
N GLY E 124 -12.30 -30.67 -24.08
CA GLY E 124 -12.11 -31.65 -25.15
C GLY E 124 -12.17 -33.11 -24.74
N HIS E 125 -12.75 -33.41 -23.58
CA HIS E 125 -12.83 -34.77 -23.08
C HIS E 125 -13.86 -35.59 -23.86
N LEU E 126 -13.40 -36.18 -24.96
CA LEU E 126 -14.28 -36.84 -25.92
C LEU E 126 -15.04 -38.03 -25.33
N GLU E 127 -14.32 -38.90 -24.64
CA GLU E 127 -14.92 -40.11 -24.07
C GLU E 127 -15.96 -39.74 -23.02
N ILE E 128 -15.66 -38.75 -22.19
CA ILE E 128 -16.61 -38.27 -21.19
C ILE E 128 -17.89 -37.76 -21.83
N VAL E 129 -17.73 -36.97 -22.88
CA VAL E 129 -18.87 -36.44 -23.61
C VAL E 129 -19.79 -37.59 -24.07
N GLU E 130 -19.19 -38.61 -24.68
CA GLU E 130 -19.93 -39.76 -25.18
C GLU E 130 -20.72 -40.48 -24.07
N VAL E 131 -20.09 -40.70 -22.93
CA VAL E 131 -20.79 -41.28 -21.79
C VAL E 131 -21.97 -40.40 -21.31
N LEU E 132 -21.72 -39.11 -21.17
CA LEU E 132 -22.75 -38.17 -20.78
C LEU E 132 -23.92 -38.19 -21.76
N LEU E 133 -23.61 -38.25 -23.06
CA LEU E 133 -24.65 -38.33 -24.09
C LEU E 133 -25.48 -39.59 -23.90
N LYS E 134 -24.80 -40.70 -23.59
CA LYS E 134 -25.48 -41.98 -23.43
C LYS E 134 -26.47 -41.92 -22.28
N TYR E 135 -26.16 -41.12 -21.28
CA TYR E 135 -27.00 -41.03 -20.09
C TYR E 135 -28.05 -39.94 -20.19
N GLY E 136 -28.18 -39.36 -21.39
CA GLY E 136 -29.25 -38.42 -21.70
C GLY E 136 -28.93 -36.95 -21.51
N ALA E 137 -27.65 -36.58 -21.64
CA ALA E 137 -27.25 -35.18 -21.48
C ALA E 137 -27.88 -34.26 -22.54
N ASP E 138 -28.41 -33.12 -22.10
CA ASP E 138 -29.07 -32.14 -22.96
C ASP E 138 -28.05 -31.41 -23.82
N VAL E 139 -28.06 -31.73 -25.11
CA VAL E 139 -27.12 -31.21 -26.08
C VAL E 139 -27.38 -29.73 -26.40
N ASN E 140 -28.54 -29.24 -25.98
CA ASN E 140 -28.91 -27.84 -26.24
C ASN E 140 -28.72 -26.92 -25.04
N ALA E 141 -28.22 -27.45 -23.92
CA ALA E 141 -28.02 -26.66 -22.72
C ALA E 141 -27.09 -25.47 -23.00
N GLN E 142 -27.42 -24.31 -22.46
CA GLN E 142 -26.61 -23.14 -22.73
C GLN E 142 -25.86 -22.67 -21.51
N ASP E 143 -24.63 -22.25 -21.72
CA ASP E 143 -23.86 -21.70 -20.64
C ASP E 143 -24.28 -20.28 -20.45
N LYS E 144 -23.57 -19.59 -19.59
CA LYS E 144 -23.93 -18.25 -19.18
C LYS E 144 -23.85 -17.32 -20.37
N PHE E 145 -23.15 -17.72 -21.41
CA PHE E 145 -22.94 -16.86 -22.57
C PHE E 145 -23.71 -17.36 -23.78
N GLY E 146 -24.68 -18.24 -23.54
CA GLY E 146 -25.57 -18.75 -24.57
C GLY E 146 -25.02 -19.88 -25.42
N LYS E 147 -23.83 -20.38 -25.09
CA LYS E 147 -23.18 -21.43 -25.88
C LYS E 147 -23.56 -22.84 -25.44
N THR E 148 -23.84 -23.72 -26.41
CA THR E 148 -24.05 -25.14 -26.11
C THR E 148 -22.74 -25.89 -26.24
N ALA E 149 -22.80 -27.20 -25.95
CA ALA E 149 -21.61 -28.05 -26.02
C ALA E 149 -20.99 -27.93 -27.40
N PHE E 150 -21.84 -27.84 -28.43
CA PHE E 150 -21.39 -27.69 -29.81
C PHE E 150 -20.67 -26.37 -30.07
N ASP E 151 -21.24 -25.27 -29.59
CA ASP E 151 -20.60 -23.96 -29.76
C ASP E 151 -19.21 -23.98 -29.14
N ILE E 152 -19.12 -24.57 -27.95
CA ILE E 152 -17.87 -24.67 -27.21
C ILE E 152 -16.81 -25.49 -27.96
N SER E 153 -17.26 -26.55 -28.63
CA SER E 153 -16.35 -27.42 -29.36
C SER E 153 -15.69 -26.72 -30.55
N ILE E 154 -16.44 -25.85 -31.22
CA ILE E 154 -15.90 -25.06 -32.33
C ILE E 154 -14.88 -24.03 -31.87
N ASP E 155 -15.25 -23.23 -30.88
CA ASP E 155 -14.40 -22.16 -30.36
C ASP E 155 -13.04 -22.67 -29.91
N ASN E 156 -12.98 -23.94 -29.50
CA ASN E 156 -11.73 -24.56 -29.08
C ASN E 156 -11.06 -25.37 -30.19
N GLY E 157 -11.64 -25.33 -31.40
CA GLY E 157 -11.05 -25.98 -32.56
C GLY E 157 -11.03 -27.51 -32.52
N ASN E 158 -11.79 -28.09 -31.60
CA ASN E 158 -11.90 -29.54 -31.46
C ASN E 158 -12.81 -30.15 -32.52
N GLU E 159 -12.23 -30.51 -33.66
CA GLU E 159 -12.98 -30.97 -34.83
C GLU E 159 -13.64 -32.33 -34.62
N ASP E 160 -13.00 -33.17 -33.82
CA ASP E 160 -13.57 -34.48 -33.52
C ASP E 160 -14.83 -34.38 -32.67
N LEU E 161 -14.80 -33.50 -31.67
CA LEU E 161 -15.92 -33.30 -30.76
C LEU E 161 -17.09 -32.65 -31.48
N ALA E 162 -16.78 -31.74 -32.39
CA ALA E 162 -17.80 -31.10 -33.22
C ALA E 162 -18.57 -32.15 -34.03
N GLU E 163 -17.87 -33.17 -34.52
CA GLU E 163 -18.53 -34.23 -35.28
C GLU E 163 -19.62 -34.96 -34.50
N ILE E 164 -19.30 -35.40 -33.30
CA ILE E 164 -20.27 -36.09 -32.45
C ILE E 164 -21.44 -35.17 -32.10
N ASP F 13 24.07 23.12 23.80
CA ASP F 13 23.06 23.00 24.85
C ASP F 13 22.50 24.38 25.24
N LEU F 14 23.39 25.34 25.43
CA LEU F 14 22.97 26.71 25.65
C LEU F 14 22.54 27.21 24.28
N GLY F 15 23.27 26.75 23.26
CA GLY F 15 22.99 27.06 21.88
C GLY F 15 21.66 26.51 21.43
N LYS F 16 21.33 25.31 21.90
CA LYS F 16 20.05 24.71 21.55
C LYS F 16 18.91 25.57 22.10
N LYS F 17 19.02 25.98 23.36
CA LYS F 17 17.97 26.80 23.95
C LYS F 17 17.86 28.15 23.23
N LEU F 18 18.99 28.67 22.77
CA LEU F 18 19.02 29.91 22.00
C LEU F 18 18.35 29.77 20.64
N LEU F 19 18.63 28.65 19.96
CA LEU F 19 17.99 28.36 18.69
C LEU F 19 16.48 28.32 18.84
N GLU F 20 16.02 27.66 19.90
CA GLU F 20 14.60 27.50 20.18
C GLU F 20 13.96 28.82 20.64
N ALA F 21 14.65 29.56 21.51
CA ALA F 21 14.18 30.88 21.93
C ALA F 21 13.98 31.83 20.75
N ALA F 22 14.91 31.80 19.82
CA ALA F 22 14.81 32.56 18.59
C ALA F 22 13.70 32.12 17.67
N ARG F 23 13.54 30.83 17.50
CA ARG F 23 12.51 30.32 16.65
C ARG F 23 11.21 30.75 17.25
N ALA F 24 11.14 30.61 18.56
CA ALA F 24 9.99 30.95 19.33
C ALA F 24 9.70 32.42 19.32
N GLY F 25 10.72 33.25 19.31
CA GLY F 25 10.51 34.67 19.47
C GLY F 25 10.46 35.08 20.92
N GLN F 26 10.96 34.21 21.76
CA GLN F 26 11.12 34.48 23.18
C GLN F 26 12.21 35.51 23.44
N ASP F 27 11.87 36.80 23.36
CA ASP F 27 12.85 37.88 23.49
C ASP F 27 13.64 37.87 24.80
N ASP F 28 12.93 37.82 25.92
CA ASP F 28 13.52 37.88 27.24
C ASP F 28 14.44 36.69 27.46
N GLU F 29 14.01 35.53 26.99
CA GLU F 29 14.82 34.32 27.08
C GLU F 29 16.10 34.45 26.26
N VAL F 30 15.98 35.05 25.08
CA VAL F 30 17.11 35.25 24.21
C VAL F 30 18.13 36.13 24.91
N ARG F 31 17.65 37.25 25.48
CA ARG F 31 18.51 38.16 26.22
C ARG F 31 19.20 37.48 27.40
N ILE F 32 18.44 36.69 28.17
CA ILE F 32 19.02 35.91 29.27
C ILE F 32 20.13 34.95 28.78
N LEU F 33 19.84 34.20 27.73
CA LEU F 33 20.79 33.25 27.18
C LEU F 33 22.06 33.93 26.66
N MET F 34 21.91 35.11 26.07
CA MET F 34 23.05 35.92 25.65
C MET F 34 23.89 36.27 26.86
N ALA F 35 23.23 36.75 27.90
CA ALA F 35 23.90 37.11 29.15
C ALA F 35 24.63 35.91 29.78
N ASN F 36 24.08 34.72 29.59
CA ASN F 36 24.71 33.51 30.12
C ASN F 36 25.77 32.94 29.20
N GLY F 37 26.05 33.64 28.10
CA GLY F 37 27.16 33.30 27.23
C GLY F 37 26.85 32.35 26.08
N ALA F 38 25.57 32.22 25.74
CA ALA F 38 25.18 31.35 24.64
C ALA F 38 25.84 31.79 23.33
N ASP F 39 26.30 30.81 22.57
CA ASP F 39 26.95 31.05 21.28
C ASP F 39 25.91 31.58 20.31
N VAL F 40 26.13 32.81 19.86
CA VAL F 40 25.20 33.48 18.97
C VAL F 40 25.17 32.79 17.59
N ASN F 41 26.28 32.13 17.25
CA ASN F 41 26.42 31.49 15.97
C ASN F 41 26.24 29.97 16.05
N ALA F 42 25.56 29.52 17.09
CA ALA F 42 25.26 28.11 17.24
C ALA F 42 24.37 27.70 16.09
N ASP F 43 24.54 26.48 15.61
CA ASP F 43 23.77 26.01 14.45
C ASP F 43 23.19 24.61 14.71
N ASP F 44 22.01 24.33 14.16
CA ASP F 44 21.37 23.04 14.30
C ASP F 44 21.80 22.05 13.21
N ALA F 45 21.13 20.90 13.16
CA ALA F 45 21.54 19.83 12.24
C ALA F 45 21.35 20.22 10.78
N TRP F 46 20.51 21.22 10.51
CA TRP F 46 20.31 21.69 9.15
C TRP F 46 21.17 22.92 8.87
N GLY F 47 22.09 23.21 9.78
CA GLY F 47 22.98 24.36 9.64
C GLY F 47 22.31 25.72 9.79
N GLN F 48 21.13 25.76 10.41
CA GLN F 48 20.46 27.04 10.65
C GLN F 48 20.89 27.64 11.99
N THR F 49 21.11 28.96 11.99
CA THR F 49 21.55 29.68 13.17
C THR F 49 20.37 30.39 13.83
N PRO F 50 20.55 30.90 15.07
CA PRO F 50 19.46 31.67 15.67
C PRO F 50 19.03 32.83 14.78
N LEU F 51 19.97 33.42 14.05
CA LEU F 51 19.63 34.50 13.12
C LEU F 51 18.72 34.03 11.97
N HIS F 52 19.01 32.86 11.42
CA HIS F 52 18.12 32.22 10.43
C HIS F 52 16.70 32.08 10.96
N LEU F 53 16.60 31.55 12.17
CA LEU F 53 15.31 31.18 12.74
C LEU F 53 14.51 32.41 13.14
N ALA F 54 15.19 33.41 13.69
CA ALA F 54 14.51 34.65 14.02
C ALA F 54 14.07 35.37 12.75
N ALA F 55 14.97 35.43 11.76
CA ALA F 55 14.69 36.16 10.52
C ALA F 55 13.48 35.59 9.81
N GLN F 56 13.42 34.26 9.79
CA GLN F 56 12.35 33.57 9.09
C GLN F 56 10.98 33.74 9.73
N ASN F 57 10.93 33.79 11.05
CA ASN F 57 9.66 33.82 11.77
C ASN F 57 9.25 35.23 12.16
N GLY F 58 9.90 36.21 11.56
CA GLY F 58 9.48 37.60 11.71
C GLY F 58 9.81 38.23 13.04
N HIS F 59 10.81 37.71 13.74
CA HIS F 59 11.14 38.24 15.06
C HIS F 59 12.21 39.33 15.05
N LEU F 60 11.77 40.53 14.71
CA LEU F 60 12.63 41.68 14.45
C LEU F 60 13.57 42.06 15.59
N GLU F 61 13.04 42.15 16.80
CA GLU F 61 13.84 42.58 17.93
C GLU F 61 14.88 41.53 18.30
N ILE F 62 14.51 40.25 18.15
CA ILE F 62 15.49 39.19 18.33
C ILE F 62 16.55 39.25 17.23
N VAL F 63 16.13 39.47 15.99
CA VAL F 63 17.07 39.66 14.88
C VAL F 63 18.07 40.76 15.20
N GLU F 64 17.57 41.88 15.73
CA GLU F 64 18.44 43.01 16.08
C GLU F 64 19.36 42.72 17.25
N VAL F 65 18.86 42.07 18.30
CA VAL F 65 19.73 41.74 19.42
C VAL F 65 20.82 40.78 18.97
N LEU F 66 20.45 39.81 18.13
CA LEU F 66 21.42 38.87 17.57
C LEU F 66 22.47 39.59 16.73
N LEU F 67 22.00 40.49 15.88
CA LEU F 67 22.90 41.26 15.02
C LEU F 67 23.86 42.13 15.83
N LYS F 68 23.36 42.79 16.86
CA LYS F 68 24.20 43.66 17.69
C LYS F 68 25.19 42.84 18.50
N HIS F 69 24.89 41.56 18.66
CA HIS F 69 25.80 40.67 19.39
C HIS F 69 26.71 39.84 18.47
N ASP F 70 26.99 40.36 17.27
CA ASP F 70 27.94 39.76 16.33
C ASP F 70 27.54 38.41 15.72
N ALA F 71 26.25 38.23 15.46
CA ALA F 71 25.79 37.06 14.73
C ALA F 71 26.32 37.12 13.31
N ASP F 72 26.71 35.98 12.75
CA ASP F 72 27.16 35.94 11.37
C ASP F 72 25.98 36.27 10.45
N VAL F 73 25.97 37.50 9.94
CA VAL F 73 24.89 37.95 9.07
C VAL F 73 24.76 37.12 7.77
N ASN F 74 25.87 36.50 7.37
CA ASN F 74 25.93 35.74 6.12
C ASN F 74 26.12 34.22 6.31
N ALA F 75 25.69 33.72 7.46
CA ALA F 75 25.71 32.29 7.72
C ALA F 75 24.83 31.57 6.71
N THR F 76 25.33 30.47 6.16
CA THR F 76 24.55 29.70 5.20
C THR F 76 24.16 28.36 5.81
N ASP F 77 22.96 27.88 5.49
CA ASP F 77 22.50 26.59 5.99
C ASP F 77 22.76 25.43 5.01
N TRP F 78 22.12 24.29 5.26
CA TRP F 78 22.37 23.07 4.52
C TRP F 78 22.15 23.21 3.01
N VAL F 79 21.27 24.11 2.60
CA VAL F 79 21.03 24.36 1.18
C VAL F 79 21.52 25.78 0.75
N GLY F 80 22.47 26.33 1.50
CA GLY F 80 23.12 27.58 1.15
C GLY F 80 22.30 28.83 1.33
N MET F 81 21.21 28.74 2.10
CA MET F 81 20.39 29.92 2.35
C MET F 81 20.92 30.75 3.51
N THR F 82 20.92 32.07 3.31
CA THR F 82 21.30 33.02 4.34
C THR F 82 20.05 33.53 5.05
N PRO F 83 20.23 34.19 6.21
CA PRO F 83 19.05 34.77 6.84
C PRO F 83 18.30 35.76 5.94
N LEU F 84 19.03 36.44 5.06
CA LEU F 84 18.38 37.37 4.12
C LEU F 84 17.48 36.65 3.14
N HIS F 85 17.94 35.50 2.63
CA HIS F 85 17.11 34.64 1.79
C HIS F 85 15.75 34.38 2.43
N LEU F 86 15.78 33.93 3.68
CA LEU F 86 14.55 33.55 4.38
C LEU F 86 13.66 34.77 4.63
N ALA F 87 14.26 35.90 5.01
CA ALA F 87 13.50 37.12 5.28
C ALA F 87 12.82 37.68 4.02
N ALA F 88 13.56 37.75 2.92
CA ALA F 88 13.02 38.18 1.63
C ALA F 88 11.86 37.29 1.20
N ASP F 89 12.04 35.99 1.38
CA ASP F 89 11.00 35.03 1.01
C ASP F 89 9.70 35.23 1.79
N ASP F 90 9.82 35.54 3.08
CA ASP F 90 8.65 35.59 3.94
C ASP F 90 8.03 36.98 4.02
N GLY F 91 8.67 37.95 3.38
CA GLY F 91 8.13 39.30 3.28
C GLY F 91 8.35 40.20 4.48
N HIS F 92 9.40 39.92 5.26
CA HIS F 92 9.72 40.73 6.44
C HIS F 92 10.58 41.94 6.12
N LEU F 93 9.91 43.05 5.81
CA LEU F 93 10.58 44.27 5.37
C LEU F 93 11.63 44.79 6.35
N GLU F 94 11.24 44.97 7.61
CA GLU F 94 12.16 45.55 8.59
C GLU F 94 13.35 44.62 8.87
N ILE F 95 13.10 43.31 8.86
CA ILE F 95 14.18 42.35 9.06
C ILE F 95 15.19 42.41 7.88
N VAL F 96 14.67 42.42 6.65
CA VAL F 96 15.50 42.57 5.46
C VAL F 96 16.41 43.79 5.57
N GLU F 97 15.81 44.91 5.99
CA GLU F 97 16.55 46.16 6.20
C GLU F 97 17.61 45.99 7.28
N ALA F 98 17.23 45.39 8.41
CA ALA F 98 18.17 45.15 9.51
C ALA F 98 19.36 44.28 9.04
N LEU F 99 19.05 43.21 8.31
CA LEU F 99 20.08 42.33 7.76
C LEU F 99 21.04 43.08 6.82
N LEU F 100 20.47 43.87 5.91
CA LEU F 100 21.26 44.66 4.96
C LEU F 100 22.16 45.69 5.65
N LYS F 101 21.68 46.27 6.73
CA LYS F 101 22.45 47.29 7.44
C LYS F 101 23.66 46.67 8.13
N TYR F 102 23.64 45.35 8.30
CA TYR F 102 24.75 44.67 8.96
C TYR F 102 25.65 43.92 7.97
N GLY F 103 25.48 44.22 6.68
CA GLY F 103 26.36 43.70 5.65
C GLY F 103 25.89 42.38 5.04
N ALA F 104 24.59 42.10 5.06
CA ALA F 104 24.10 40.91 4.39
C ALA F 104 24.50 40.96 2.91
N ASP F 105 24.94 39.83 2.37
CA ASP F 105 25.29 39.76 0.95
C ASP F 105 23.99 39.85 0.16
N VAL F 106 23.76 41.01 -0.45
CA VAL F 106 22.52 41.30 -1.15
C VAL F 106 22.29 40.42 -2.39
N ASN F 107 23.38 39.87 -2.94
CA ASN F 107 23.29 39.13 -4.19
C ASN F 107 23.59 37.64 -4.06
N ALA F 108 23.60 37.14 -2.82
CA ALA F 108 23.95 35.75 -2.54
C ALA F 108 22.98 34.76 -3.21
N TYR F 109 23.54 33.76 -3.89
CA TYR F 109 22.78 32.64 -4.47
C TYR F 109 22.79 31.46 -3.50
N ASP F 110 21.63 30.89 -3.20
CA ASP F 110 21.60 29.64 -2.44
C ASP F 110 21.81 28.46 -3.40
N GLN F 111 21.78 27.23 -2.88
CA GLN F 111 22.02 26.05 -3.71
C GLN F 111 20.85 25.75 -4.64
N LEU F 112 19.77 26.51 -4.53
CA LEU F 112 18.58 26.27 -5.34
C LEU F 112 18.44 27.31 -6.45
N GLY F 113 19.42 28.21 -6.53
CA GLY F 113 19.42 29.21 -7.57
C GLY F 113 18.62 30.43 -7.19
N ASN F 114 18.29 30.56 -5.90
CA ASN F 114 17.57 31.73 -5.40
C ASN F 114 18.48 32.89 -5.01
N THR F 115 18.07 34.10 -5.38
CA THR F 115 18.66 35.35 -4.85
C THR F 115 17.55 36.09 -4.11
N PRO F 116 17.92 36.94 -3.15
CA PRO F 116 16.94 37.71 -2.37
C PRO F 116 16.00 38.55 -3.24
N LEU F 117 16.55 39.21 -4.25
CA LEU F 117 15.74 40.00 -5.19
C LEU F 117 14.69 39.15 -5.90
N ASN F 118 15.11 37.99 -6.41
CA ASN F 118 14.18 37.13 -7.12
C ASN F 118 13.11 36.55 -6.19
N LEU F 119 13.49 36.17 -4.98
CA LEU F 119 12.52 35.73 -3.98
C LEU F 119 11.45 36.80 -3.75
N ALA F 120 11.88 38.05 -3.52
CA ALA F 120 10.96 39.16 -3.26
C ALA F 120 10.09 39.46 -4.48
N ALA F 121 10.68 39.39 -5.68
CA ALA F 121 9.93 39.59 -6.92
C ALA F 121 8.83 38.55 -7.08
N THR F 122 9.15 37.31 -6.76
CA THR F 122 8.20 36.20 -6.91
C THR F 122 6.91 36.43 -6.12
N ASP F 123 7.05 36.92 -4.89
CA ASP F 123 5.90 37.07 -4.00
C ASP F 123 5.30 38.49 -3.98
N GLY F 124 5.80 39.36 -4.86
CA GLY F 124 5.26 40.69 -5.04
C GLY F 124 5.58 41.73 -3.97
N HIS F 125 6.61 41.47 -3.17
CA HIS F 125 6.99 42.36 -2.09
C HIS F 125 7.71 43.62 -2.58
N LEU F 126 6.95 44.65 -2.92
CA LEU F 126 7.50 45.83 -3.61
C LEU F 126 8.56 46.57 -2.80
N GLU F 127 8.24 46.82 -1.52
CA GLU F 127 9.13 47.62 -0.67
C GLU F 127 10.46 46.90 -0.48
N ILE F 128 10.40 45.58 -0.30
CA ILE F 128 11.61 44.79 -0.15
C ILE F 128 12.50 44.88 -1.40
N VAL F 129 11.87 44.74 -2.57
CA VAL F 129 12.58 44.84 -3.84
C VAL F 129 13.33 46.17 -3.89
N GLU F 130 12.64 47.26 -3.56
CA GLU F 130 13.23 48.60 -3.55
C GLU F 130 14.42 48.72 -2.62
N VAL F 131 14.31 48.20 -1.40
CA VAL F 131 15.43 48.18 -0.47
C VAL F 131 16.63 47.35 -0.99
N LEU F 132 16.34 46.17 -1.54
CA LEU F 132 17.40 45.34 -2.13
C LEU F 132 18.11 46.06 -3.28
N LEU F 133 17.32 46.69 -4.16
CA LEU F 133 17.88 47.47 -5.25
C LEU F 133 18.76 48.57 -4.69
N LYS F 134 18.29 49.19 -3.60
CA LYS F 134 19.04 50.30 -2.99
C LYS F 134 20.40 49.82 -2.47
N TYR F 135 20.45 48.55 -2.05
CA TYR F 135 21.69 47.99 -1.53
C TYR F 135 22.51 47.26 -2.61
N GLY F 136 22.12 47.44 -3.88
CA GLY F 136 22.91 46.96 -5.01
C GLY F 136 22.51 45.60 -5.56
N ALA F 137 21.24 45.22 -5.40
CA ALA F 137 20.76 43.94 -5.90
C ALA F 137 20.93 43.88 -7.41
N ASP F 138 21.48 42.75 -7.87
CA ASP F 138 21.76 42.51 -9.28
C ASP F 138 20.47 42.21 -10.03
N VAL F 139 19.99 43.16 -10.83
CA VAL F 139 18.74 43.03 -11.55
C VAL F 139 18.83 42.00 -12.70
N ASN F 140 20.05 41.56 -13.01
CA ASN F 140 20.27 40.59 -14.09
C ASN F 140 20.40 39.15 -13.60
N ALA F 141 20.26 38.95 -12.29
CA ALA F 141 20.38 37.62 -11.70
C ALA F 141 19.38 36.63 -12.31
N GLN F 142 19.87 35.44 -12.62
CA GLN F 142 19.07 34.46 -13.31
C GLN F 142 18.57 33.40 -12.36
N ASP F 143 17.29 33.17 -12.32
CA ASP F 143 16.81 32.02 -11.61
C ASP F 143 17.07 30.82 -12.46
N LYS F 144 16.96 29.68 -11.86
CA LYS F 144 17.49 28.49 -12.49
C LYS F 144 16.85 28.41 -13.87
N PHE F 145 15.59 28.81 -13.95
CA PHE F 145 14.90 28.84 -15.22
C PHE F 145 15.29 29.97 -16.17
N GLY F 146 16.38 30.64 -15.88
CA GLY F 146 16.86 31.69 -16.76
C GLY F 146 16.07 32.97 -16.61
N LYS F 147 15.12 32.98 -15.67
CA LYS F 147 14.29 34.16 -15.45
C LYS F 147 14.91 35.15 -14.46
N THR F 148 14.87 36.43 -14.82
CA THR F 148 15.31 37.51 -13.95
C THR F 148 14.14 38.06 -13.13
N ALA F 149 14.44 39.05 -12.29
CA ALA F 149 13.42 39.65 -11.44
C ALA F 149 12.28 40.23 -12.26
N PHE F 150 12.63 40.89 -13.37
CA PHE F 150 11.65 41.49 -14.25
C PHE F 150 10.76 40.45 -14.94
N ASP F 151 11.38 39.39 -15.45
CA ASP F 151 10.63 38.31 -16.09
C ASP F 151 9.56 37.74 -15.15
N ILE F 152 9.97 37.50 -13.91
CA ILE F 152 9.07 36.95 -12.90
C ILE F 152 7.90 37.88 -12.63
N SER F 153 8.17 39.19 -12.64
CA SER F 153 7.12 40.19 -12.36
C SER F 153 6.02 40.25 -13.43
N ILE F 154 6.39 40.09 -14.70
CA ILE F 154 5.41 40.05 -15.79
C ILE F 154 4.54 38.79 -15.73
N ASP F 155 5.20 37.64 -15.61
CA ASP F 155 4.52 36.35 -15.57
C ASP F 155 3.47 36.28 -14.46
N ASN F 156 3.69 37.06 -13.40
CA ASN F 156 2.74 37.14 -12.31
C ASN F 156 1.82 38.34 -12.51
N GLY F 157 2.01 39.04 -13.62
CA GLY F 157 1.18 40.17 -14.00
C GLY F 157 1.32 41.38 -13.09
N ASN F 158 2.34 41.35 -12.23
CA ASN F 158 2.57 42.47 -11.32
C ASN F 158 3.27 43.63 -12.04
N GLU F 159 2.48 44.48 -12.68
CA GLU F 159 3.04 45.56 -13.50
C GLU F 159 3.71 46.70 -12.75
N ASP F 160 3.24 46.98 -11.52
CA ASP F 160 3.85 48.04 -10.71
C ASP F 160 5.29 47.69 -10.35
N LEU F 161 5.53 46.42 -10.06
CA LEU F 161 6.86 45.90 -9.74
C LEU F 161 7.73 45.86 -10.99
N ALA F 162 7.13 45.53 -12.12
CA ALA F 162 7.83 45.54 -13.39
C ALA F 162 8.36 46.95 -13.67
N GLU F 163 7.54 47.95 -13.33
CA GLU F 163 7.89 49.36 -13.45
C GLU F 163 9.12 49.71 -12.63
N ILE F 164 9.15 49.26 -11.38
CA ILE F 164 10.30 49.49 -10.49
C ILE F 164 11.57 48.87 -11.05
N LEU F 165 11.48 47.60 -11.45
CA LEU F 165 12.61 46.90 -12.03
C LEU F 165 12.99 47.47 -13.41
N GLN F 166 12.08 48.27 -13.96
CA GLN F 166 12.30 48.97 -15.24
C GLN F 166 12.51 48.02 -16.41
#